data_5DKZ
#
_entry.id   5DKZ
#
_cell.length_a   189.947
_cell.length_b   189.947
_cell.length_c   158.642
_cell.angle_alpha   90.00
_cell.angle_beta   90.00
_cell.angle_gamma   120.00
#
_symmetry.space_group_name_H-M   'H 3 2'
#
loop_
_entity.id
_entity.type
_entity.pdbx_description
1 polymer 'Alpha glucosidase-like protein'
2 branched alpha-D-glucopyranose-(1-3)-alpha-D-glucopyranose
3 water water
#
_entity_poly.entity_id   1
_entity_poly.type   'polypeptide(L)'
_entity_poly.pdbx_seq_one_letter_code
;GSEFVKEHDWKKCDQSGFCRRNRAYADHALSAISWESPYKIAPETGSFKDGQYQAIILKTINDHGETVRLPLTVSFLESG
TARVTIDEEKRQKGEIELRHDSKARKERYNEAEQWVIVGGMTLDKGAKVDYEDKTQMTVKYGPSSKFEATIKFAPFSIDF
KRDGASHIKFNDQGLLNIEHWRPKIDPPPEPEKKEGEQQPDKKEEAPREDDSTWWEESFGGNTDSKPRGPESVGLDISFV
GYEHVFGIPSHASPLSLKQTRGGEGNYNEPYRMYNADVFEYILDSPMTLYGSIPFMQAHRKDSSVGIFWLNAAETWVDIT
KGKDSKNPLALGVKSKITTRTHWFSESGLLDVFVFLGPTPKDIISKYAELTGTTAMPQEFSLGYHQCRWNYVSDEDVKDV
DRKMDKFNMPYDVIWLDIEYTDEKKYFTWDKHSFKDPIGMGKQLEAHGRKLVTIIDPHIKNTNNYPVVDELKSKDLAVKT
KDGSIFEGWCWPGSSHWIDAFNPAAREWWKGLFKYDKFKGTMENTFIWNAMNEPSVFNGPEVTMPKDNLHHGNWEHRDVH
NLNGMTFQNATYHALLSRKPGEHRRPFVLTRAFFAGSQRLGAMWTGDNTADWGYLKASIPMVLSQGIAGFPFAGADVGGF
FGNPDKDLLTRWYQTGIFYPFFRAHAHIDARRREPYLTGEPYNTIIAAALRLRYSLLPSWYTAFRHAHLDGTPIIKPMFY
THPSEEAGLPIDDQFFIGNTGLLAKPVTDKDRTSVDIWIPDSEVYYDYFTYDIISAAKSKTATLDAPLEKIPLLMRGGHV
FARRDIPRRSSALMKWDPYTLVVVLGNDRKAEGDLYVDDGDSFDYEKGQYIHRRFIFDANTLTSADYEGRDDASIKEGEW
LKKMRTVNVEKIIVVGAPAAWKGKKTVTVESEGKTWAAAIEYNPAEKSRAAFAVVKKVGVRVGADFKIVFG
;
_entity_poly.pdbx_strand_id   A
#
loop_
_chem_comp.id
_chem_comp.type
_chem_comp.name
_chem_comp.formula
GLC D-saccharide, alpha linking alpha-D-glucopyranose 'C6 H12 O6'
#
# COMPACT_ATOMS: atom_id res chain seq x y z
N GLU A 7 -4.53 -22.35 19.26
CA GLU A 7 -5.40 -22.70 18.10
C GLU A 7 -6.46 -21.63 17.85
N HIS A 8 -6.41 -21.03 16.66
CA HIS A 8 -7.08 -19.76 16.39
C HIS A 8 -8.47 -20.00 15.83
N ASP A 9 -9.38 -19.14 16.25
CA ASP A 9 -10.74 -19.17 15.81
C ASP A 9 -11.02 -17.90 15.06
N TRP A 10 -11.52 -18.02 13.83
CA TRP A 10 -11.90 -16.87 13.01
C TRP A 10 -13.36 -16.98 12.63
N LYS A 11 -14.04 -15.85 12.69
CA LYS A 11 -15.40 -15.78 12.17
C LYS A 11 -15.38 -16.09 10.68
N LYS A 12 -16.13 -17.10 10.27
CA LYS A 12 -16.68 -17.20 8.92
C LYS A 12 -17.87 -16.28 8.79
N CYS A 13 -18.24 -15.96 7.56
CA CYS A 13 -19.34 -15.03 7.31
C CYS A 13 -20.54 -15.32 8.18
N ASP A 14 -20.88 -16.61 8.27
CA ASP A 14 -22.12 -17.04 8.94
C ASP A 14 -22.06 -16.81 10.46
N GLN A 15 -20.85 -16.64 10.98
CA GLN A 15 -20.64 -16.40 12.39
C GLN A 15 -20.55 -14.93 12.72
N SER A 16 -20.38 -14.10 11.70
CA SER A 16 -20.54 -12.68 11.85
C SER A 16 -21.96 -12.33 11.51
N GLY A 17 -22.68 -11.84 12.52
CA GLY A 17 -24.07 -11.51 12.42
C GLY A 17 -24.42 -10.65 11.22
N PHE A 18 -23.77 -9.52 11.09
CA PHE A 18 -24.13 -8.60 10.06
C PHE A 18 -23.69 -9.13 8.69
N CYS A 19 -22.62 -9.92 8.64
CA CYS A 19 -22.33 -10.67 7.42
C CYS A 19 -23.42 -11.62 6.98
N ARG A 20 -23.91 -12.44 7.89
CA ARG A 20 -25.02 -13.35 7.59
C ARG A 20 -26.24 -12.61 7.04
N ARG A 21 -26.55 -11.45 7.60
CA ARG A 21 -27.81 -10.78 7.25
C ARG A 21 -27.69 -10.15 5.89
N ASN A 22 -26.53 -9.59 5.59
CA ASN A 22 -26.30 -9.06 4.27
C ASN A 22 -26.15 -10.13 3.21
N ARG A 23 -25.51 -11.24 3.51
CA ARG A 23 -25.50 -12.34 2.55
C ARG A 23 -26.92 -12.86 2.32
N ALA A 24 -27.73 -12.92 3.38
CA ALA A 24 -29.09 -13.48 3.24
C ALA A 24 -30.01 -12.52 2.47
N TYR A 25 -29.74 -11.23 2.62
CA TYR A 25 -30.47 -10.17 1.91
C TYR A 25 -30.15 -10.26 0.42
N ALA A 26 -28.89 -10.59 0.10
CA ALA A 26 -28.48 -10.86 -1.27
C ALA A 26 -29.11 -12.14 -1.82
N ASP A 27 -29.06 -13.23 -1.06
CA ASP A 27 -29.73 -14.47 -1.49
C ASP A 27 -31.21 -14.25 -1.81
N HIS A 28 -31.90 -13.49 -0.95
CA HIS A 28 -33.34 -13.25 -1.11
C HIS A 28 -33.62 -12.44 -2.39
N ALA A 29 -32.86 -11.36 -2.57
CA ALA A 29 -33.03 -10.50 -3.73
C ALA A 29 -32.78 -11.21 -5.07
N LEU A 30 -31.70 -11.97 -5.14
CA LEU A 30 -31.40 -12.78 -6.31
C LEU A 30 -32.39 -13.94 -6.52
N SER A 31 -33.04 -14.38 -5.45
CA SER A 31 -34.06 -15.41 -5.54
C SER A 31 -35.42 -14.88 -5.94
N ALA A 32 -35.76 -13.73 -5.40
CA ALA A 32 -37.10 -13.21 -5.50
C ALA A 32 -37.39 -12.80 -6.94
N ILE A 33 -38.67 -12.96 -7.30
CA ILE A 33 -39.18 -12.53 -8.57
C ILE A 33 -39.44 -11.03 -8.49
N SER A 34 -38.83 -10.25 -9.37
CA SER A 34 -39.04 -8.80 -9.41
C SER A 34 -38.81 -8.16 -8.04
N TRP A 35 -37.71 -8.53 -7.39
CA TRP A 35 -37.15 -7.72 -6.32
C TRP A 35 -37.04 -6.25 -6.73
N GLU A 36 -37.62 -5.38 -5.91
CA GLU A 36 -37.30 -3.95 -5.93
C GLU A 36 -36.67 -3.59 -4.59
N SER A 37 -35.56 -2.85 -4.65
CA SER A 37 -34.99 -2.20 -3.49
C SER A 37 -36.08 -1.31 -2.92
N PRO A 38 -36.41 -1.45 -1.63
CA PRO A 38 -37.40 -0.61 -0.95
C PRO A 38 -36.88 0.76 -0.54
N TYR A 39 -36.21 1.43 -1.47
CA TYR A 39 -35.56 2.72 -1.20
C TYR A 39 -35.89 3.64 -2.38
N LYS A 40 -36.29 4.86 -2.08
CA LYS A 40 -36.74 5.82 -3.08
C LYS A 40 -36.26 7.18 -2.65
N ILE A 41 -35.75 7.95 -3.59
CA ILE A 41 -35.63 9.39 -3.36
C ILE A 41 -37.01 10.05 -3.50
N ALA A 42 -37.42 10.75 -2.44
CA ALA A 42 -38.54 11.70 -2.50
C ALA A 42 -38.13 12.84 -3.39
N PRO A 43 -38.63 12.89 -4.63
CA PRO A 43 -38.04 13.82 -5.58
C PRO A 43 -38.04 15.27 -5.08
N GLU A 44 -39.13 15.72 -4.48
CA GLU A 44 -39.26 17.11 -4.01
C GLU A 44 -38.33 17.53 -2.85
N THR A 45 -37.62 16.57 -2.24
CA THR A 45 -36.50 16.91 -1.33
C THR A 45 -35.21 17.26 -2.06
N GLY A 46 -35.19 17.00 -3.38
CA GLY A 46 -33.97 17.16 -4.19
C GLY A 46 -33.61 18.59 -4.49
N SER A 47 -32.36 18.96 -4.19
CA SER A 47 -31.79 20.17 -4.77
C SER A 47 -30.35 19.94 -5.23
N PHE A 48 -30.05 20.37 -6.46
CA PHE A 48 -28.66 20.47 -6.95
C PHE A 48 -28.13 21.90 -6.82
N LYS A 49 -27.04 22.08 -6.10
CA LYS A 49 -26.32 23.34 -6.20
C LYS A 49 -24.84 23.19 -5.97
N ASP A 50 -24.07 23.82 -6.86
CA ASP A 50 -22.65 24.10 -6.61
C ASP A 50 -21.89 22.77 -6.45
N GLY A 51 -22.15 21.84 -7.37
CA GLY A 51 -21.47 20.57 -7.42
C GLY A 51 -22.01 19.50 -6.50
N GLN A 52 -23.26 19.63 -6.07
CA GLN A 52 -23.78 18.80 -5.02
C GLN A 52 -25.32 18.64 -5.08
N TYR A 53 -25.77 17.39 -5.26
CA TYR A 53 -27.15 16.97 -5.01
C TYR A 53 -27.37 16.58 -3.55
N GLN A 54 -28.48 17.06 -2.98
CA GLN A 54 -28.96 16.60 -1.68
C GLN A 54 -30.44 16.28 -1.72
N ALA A 55 -30.83 15.39 -0.83
CA ALA A 55 -32.12 14.73 -0.94
C ALA A 55 -32.25 13.69 0.16
N ILE A 56 -33.46 13.17 0.29
CA ILE A 56 -33.80 12.29 1.36
C ILE A 56 -34.24 11.06 0.61
N ILE A 57 -33.59 9.94 0.93
CA ILE A 57 -34.10 8.62 0.55
C ILE A 57 -35.07 8.20 1.65
N LEU A 58 -36.18 7.59 1.23
CA LEU A 58 -37.12 6.97 2.14
C LEU A 58 -36.98 5.49 2.02
N LYS A 59 -36.70 4.82 3.14
CA LYS A 59 -36.67 3.38 3.18
C LYS A 59 -37.98 2.88 3.74
N THR A 60 -38.63 1.99 3.01
CA THR A 60 -39.88 1.35 3.43
C THR A 60 -39.58 0.11 4.27
N ILE A 61 -39.94 0.13 5.56
CA ILE A 61 -39.47 -0.88 6.52
C ILE A 61 -40.45 -2.03 6.80
N ASN A 62 -41.67 -1.99 6.26
CA ASN A 62 -42.64 -3.04 6.54
C ASN A 62 -43.77 -3.09 5.52
N ASP A 63 -44.58 -4.13 5.62
CA ASP A 63 -45.86 -4.24 4.88
C ASP A 63 -46.74 -3.00 4.93
N HIS A 64 -46.72 -2.27 6.04
CA HIS A 64 -47.65 -1.15 6.25
C HIS A 64 -47.20 0.15 5.57
N GLY A 65 -46.10 0.12 4.84
CA GLY A 65 -45.59 1.30 4.15
C GLY A 65 -44.96 2.37 5.05
N GLU A 66 -44.66 2.02 6.30
CA GLU A 66 -43.91 2.92 7.21
C GLU A 66 -42.49 3.16 6.69
N THR A 67 -41.96 4.36 6.91
CA THR A 67 -40.70 4.76 6.31
C THR A 67 -39.78 5.42 7.31
N VAL A 68 -38.49 5.38 7.00
CA VAL A 68 -37.51 6.18 7.70
C VAL A 68 -36.71 6.99 6.69
N ARG A 69 -36.09 8.06 7.18
CA ARG A 69 -35.48 9.06 6.34
C ARG A 69 -33.97 8.95 6.37
N LEU A 70 -33.39 8.81 5.19
CA LEU A 70 -31.95 8.60 5.05
C LEU A 70 -31.40 9.65 4.09
N PRO A 71 -30.67 10.63 4.63
CA PRO A 71 -30.22 11.68 3.73
C PRO A 71 -29.07 11.24 2.82
N LEU A 72 -29.19 11.67 1.56
CA LEU A 72 -28.33 11.33 0.46
C LEU A 72 -27.59 12.59 0.07
N THR A 73 -26.27 12.49 -0.01
CA THR A 73 -25.41 13.57 -0.52
C THR A 73 -24.54 13.01 -1.65
N VAL A 74 -24.80 13.45 -2.88
CA VAL A 74 -23.97 13.13 -4.03
C VAL A 74 -23.15 14.34 -4.45
N SER A 75 -21.83 14.20 -4.40
CA SER A 75 -20.91 15.28 -4.70
C SER A 75 -20.11 15.01 -5.97
N PHE A 76 -19.88 16.07 -6.72
CA PHE A 76 -19.09 15.98 -7.93
C PHE A 76 -17.88 16.89 -7.80
N LEU A 77 -16.70 16.29 -7.73
CA LEU A 77 -15.49 16.98 -7.34
C LEU A 77 -14.81 17.47 -8.63
N GLU A 78 -14.06 18.57 -8.51
CA GLU A 78 -13.21 19.12 -9.59
C GLU A 78 -12.34 18.07 -10.29
N SER A 79 -11.78 17.16 -9.51
CA SER A 79 -10.99 16.06 -10.04
C SER A 79 -11.75 15.21 -11.08
N GLY A 80 -13.10 15.24 -11.05
CA GLY A 80 -13.91 14.29 -11.82
C GLY A 80 -14.18 12.98 -11.10
N THR A 81 -13.69 12.85 -9.87
CA THR A 81 -14.25 11.90 -8.93
C THR A 81 -15.64 12.32 -8.42
N ALA A 82 -16.55 11.36 -8.24
CA ALA A 82 -17.81 11.61 -7.49
C ALA A 82 -17.85 10.94 -6.11
N ARG A 83 -18.73 11.44 -5.24
CA ARG A 83 -18.89 10.87 -3.93
C ARG A 83 -20.36 10.67 -3.55
N VAL A 84 -20.66 9.53 -2.95
CA VAL A 84 -22.02 9.21 -2.53
C VAL A 84 -22.04 8.85 -1.06
N THR A 85 -22.80 9.62 -0.29
CA THR A 85 -22.98 9.40 1.13
C THR A 85 -24.46 9.19 1.43
N ILE A 86 -24.72 8.21 2.27
CA ILE A 86 -26.03 8.03 2.84
C ILE A 86 -25.90 7.90 4.34
N ASP A 87 -26.71 8.67 5.07
CA ASP A 87 -26.73 8.69 6.53
C ASP A 87 -28.15 8.34 6.98
N GLU A 88 -28.40 8.39 8.30
CA GLU A 88 -29.68 8.02 8.90
C GLU A 88 -30.21 9.17 9.77
N GLU A 89 -31.28 9.83 9.32
CA GLU A 89 -31.71 11.12 9.90
C GLU A 89 -31.99 10.97 11.39
N LYS A 90 -32.67 9.89 11.74
CA LYS A 90 -33.01 9.64 13.13
C LYS A 90 -31.79 9.54 14.03
N ARG A 91 -30.68 8.99 13.54
CA ARG A 91 -29.45 8.95 14.32
C ARG A 91 -28.62 10.21 14.22
N GLN A 92 -28.76 10.99 13.15
CA GLN A 92 -28.18 12.35 13.14
C GLN A 92 -28.73 13.17 14.29
N LYS A 93 -30.03 12.99 14.56
CA LYS A 93 -30.76 13.81 15.50
C LYS A 93 -30.78 13.26 16.92
N GLY A 94 -30.21 12.08 17.13
CA GLY A 94 -30.09 11.52 18.49
C GLY A 94 -31.36 10.85 18.99
N GLU A 95 -32.30 10.56 18.10
CA GLU A 95 -33.64 10.12 18.51
C GLU A 95 -33.67 8.59 18.59
N ILE A 96 -32.75 8.01 19.36
CA ILE A 96 -32.72 6.58 19.62
C ILE A 96 -32.26 6.38 21.04
N GLU A 97 -32.40 5.16 21.54
CA GLU A 97 -31.90 4.86 22.87
C GLU A 97 -30.96 3.67 22.84
N LEU A 98 -29.77 3.85 23.37
CA LEU A 98 -28.83 2.75 23.49
C LEU A 98 -29.21 1.82 24.62
N ARG A 99 -28.81 0.56 24.48
CA ARG A 99 -29.11 -0.47 25.47
C ARG A 99 -28.05 -0.46 26.54
N HIS A 100 -28.33 -1.09 27.69
CA HIS A 100 -27.39 -1.13 28.82
C HIS A 100 -26.93 0.22 29.40
N ASP A 101 -27.68 1.28 29.19
CA ASP A 101 -27.20 2.65 29.51
C ASP A 101 -25.82 2.98 28.96
N SER A 102 -25.51 2.42 27.78
CA SER A 102 -24.30 2.74 27.04
C SER A 102 -24.19 4.23 26.82
N LYS A 103 -22.98 4.76 26.98
CA LYS A 103 -22.68 6.14 26.57
C LYS A 103 -22.13 6.25 25.15
N ALA A 104 -22.18 5.18 24.39
CA ALA A 104 -21.61 5.18 23.05
C ALA A 104 -22.35 6.18 22.18
N ARG A 105 -21.67 6.80 21.22
CA ARG A 105 -22.30 7.80 20.37
C ARG A 105 -23.53 7.26 19.63
N LYS A 106 -24.58 8.07 19.56
CA LYS A 106 -25.78 7.69 18.83
C LYS A 106 -25.63 7.84 17.31
N GLU A 107 -24.84 8.81 16.85
CA GLU A 107 -24.79 9.02 15.43
C GLU A 107 -23.89 7.99 14.72
N ARG A 108 -24.05 7.95 13.40
CA ARG A 108 -23.32 7.03 12.57
C ARG A 108 -21.92 7.60 12.46
N TYR A 109 -20.92 6.76 12.74
CA TYR A 109 -19.54 7.19 12.68
C TYR A 109 -19.23 7.95 11.39
N ASN A 110 -18.68 9.14 11.58
CA ASN A 110 -18.52 10.08 10.49
C ASN A 110 -17.17 10.80 10.47
N GLU A 111 -16.18 10.26 11.18
CA GLU A 111 -14.85 10.83 11.26
C GLU A 111 -13.79 10.03 10.47
N ALA A 112 -14.23 9.12 9.62
CA ALA A 112 -13.28 8.40 8.77
C ALA A 112 -12.64 9.37 7.82
N GLU A 113 -13.48 10.21 7.23
CA GLU A 113 -13.03 11.35 6.41
C GLU A 113 -11.91 12.15 7.09
N GLN A 114 -12.14 12.52 8.32
CA GLN A 114 -11.16 13.26 9.10
C GLN A 114 -9.81 12.56 9.12
N TRP A 115 -9.81 11.24 9.26
CA TRP A 115 -8.55 10.51 9.41
C TRP A 115 -7.87 10.30 8.07
N VAL A 116 -8.67 10.19 7.01
CA VAL A 116 -8.20 9.60 5.78
C VAL A 116 -8.00 10.64 4.70
N ILE A 117 -8.93 11.58 4.57
CA ILE A 117 -8.96 12.45 3.42
C ILE A 117 -8.11 13.67 3.70
N VAL A 118 -7.13 13.94 2.85
CA VAL A 118 -6.25 15.10 2.99
C VAL A 118 -6.34 16.11 1.84
N GLY A 119 -7.14 15.85 0.82
CA GLY A 119 -7.34 16.83 -0.22
C GLY A 119 -8.29 16.28 -1.25
N GLY A 120 -8.34 16.98 -2.39
CA GLY A 120 -9.16 16.58 -3.51
C GLY A 120 -10.65 16.74 -3.27
N MET A 121 -11.04 17.53 -2.27
CA MET A 121 -12.46 17.65 -1.91
C MET A 121 -13.16 18.84 -2.59
N THR A 122 -12.47 19.60 -3.42
CA THR A 122 -13.06 20.80 -3.99
C THR A 122 -14.14 20.43 -5.01
N LEU A 123 -15.30 21.05 -4.85
CA LEU A 123 -16.49 20.73 -5.60
C LEU A 123 -16.51 21.45 -6.93
N ASP A 124 -16.98 20.74 -7.97
CA ASP A 124 -16.94 21.23 -9.33
C ASP A 124 -18.19 22.07 -9.63
N LYS A 125 -18.04 23.39 -9.64
CA LYS A 125 -19.19 24.27 -9.90
C LYS A 125 -19.60 24.25 -11.37
N GLY A 126 -18.73 23.74 -12.22
CA GLY A 126 -19.05 23.54 -13.62
C GLY A 126 -19.84 22.28 -13.91
N ALA A 127 -20.20 21.56 -12.86
CA ALA A 127 -21.05 20.39 -13.01
C ALA A 127 -22.47 20.86 -12.92
N LYS A 128 -23.34 20.18 -13.64
CA LYS A 128 -24.64 20.71 -13.94
C LYS A 128 -25.65 19.62 -14.28
N VAL A 129 -26.92 19.90 -13.98
CA VAL A 129 -28.02 19.02 -14.40
C VAL A 129 -28.28 19.12 -15.89
N ASP A 130 -28.16 17.99 -16.59
CA ASP A 130 -28.41 17.94 -18.01
C ASP A 130 -29.91 17.74 -18.28
N TYR A 131 -30.45 16.72 -17.63
CA TYR A 131 -31.84 16.36 -17.76
C TYR A 131 -32.37 16.07 -16.37
N GLU A 132 -33.64 16.39 -16.17
CA GLU A 132 -34.33 16.06 -14.93
C GLU A 132 -35.78 15.76 -15.29
N ASP A 133 -36.41 14.89 -14.53
CA ASP A 133 -37.84 14.96 -14.32
C ASP A 133 -38.17 14.52 -12.89
N LYS A 134 -39.28 13.83 -12.66
CA LYS A 134 -39.51 13.29 -11.32
C LYS A 134 -39.49 11.76 -11.28
N THR A 135 -39.03 11.11 -12.35
CA THR A 135 -38.42 9.76 -12.26
C THR A 135 -36.89 9.71 -12.06
N GLN A 136 -36.15 10.71 -12.51
CA GLN A 136 -34.68 10.60 -12.59
C GLN A 136 -33.98 11.91 -12.88
N MET A 137 -32.70 11.99 -12.55
CA MET A 137 -31.86 13.09 -13.01
C MET A 137 -30.43 12.70 -13.42
N THR A 138 -29.91 13.37 -14.45
CA THR A 138 -28.60 13.09 -14.99
C THR A 138 -27.73 14.33 -14.76
N VAL A 139 -26.57 14.14 -14.15
CA VAL A 139 -25.62 15.21 -13.91
C VAL A 139 -24.39 14.98 -14.76
N LYS A 140 -23.86 16.07 -15.30
CA LYS A 140 -22.67 16.02 -16.12
C LYS A 140 -21.56 16.69 -15.35
N TYR A 141 -20.38 16.08 -15.39
CA TYR A 141 -19.29 16.53 -14.54
C TYR A 141 -17.96 16.03 -15.07
N GLY A 142 -16.89 16.35 -14.36
CA GLY A 142 -15.55 15.95 -14.76
C GLY A 142 -15.09 16.71 -15.99
N PRO A 143 -13.96 16.28 -16.59
CA PRO A 143 -13.26 17.12 -17.57
C PRO A 143 -14.08 17.36 -18.84
N SER A 144 -14.33 18.63 -19.13
CA SER A 144 -15.27 19.06 -20.17
C SER A 144 -16.57 18.27 -20.16
N SER A 145 -17.09 17.97 -18.96
CA SER A 145 -18.40 17.34 -18.82
C SER A 145 -18.53 15.96 -19.47
N LYS A 146 -17.42 15.23 -19.62
CA LYS A 146 -17.46 13.90 -20.23
C LYS A 146 -18.11 12.82 -19.34
N PHE A 147 -18.26 13.11 -18.05
CA PHE A 147 -18.79 12.14 -17.10
C PHE A 147 -20.26 12.45 -16.83
N GLU A 148 -21.05 11.40 -16.66
CA GLU A 148 -22.49 11.50 -16.38
C GLU A 148 -22.85 10.61 -15.20
N ALA A 149 -23.67 11.10 -14.28
CA ALA A 149 -24.38 10.25 -13.34
C ALA A 149 -25.90 10.43 -13.44
N THR A 150 -26.56 9.33 -13.80
CA THR A 150 -27.99 9.25 -13.81
C THR A 150 -28.44 8.65 -12.49
N ILE A 151 -28.97 9.52 -11.63
CA ILE A 151 -29.76 9.14 -10.47
C ILE A 151 -31.23 8.78 -10.81
N LYS A 152 -31.61 7.56 -10.45
CA LYS A 152 -32.97 7.08 -10.51
C LYS A 152 -33.61 7.23 -9.14
N PHE A 153 -34.85 7.75 -9.07
CA PHE A 153 -35.52 8.03 -7.78
C PHE A 153 -36.23 6.81 -7.21
N ALA A 154 -36.74 5.93 -8.07
CA ALA A 154 -37.73 4.97 -7.67
C ALA A 154 -37.67 3.71 -8.54
N PRO A 155 -37.10 2.60 -8.03
CA PRO A 155 -36.25 2.53 -6.84
C PRO A 155 -34.90 3.21 -7.09
N PHE A 156 -34.38 3.82 -6.05
CA PHE A 156 -33.05 4.44 -6.06
C PHE A 156 -32.02 3.59 -6.79
N SER A 157 -31.29 4.21 -7.70
CA SER A 157 -30.07 3.65 -8.27
C SER A 157 -29.20 4.75 -8.91
N ILE A 158 -27.90 4.52 -8.99
CA ILE A 158 -27.06 5.47 -9.70
C ILE A 158 -26.26 4.78 -10.76
N ASP A 159 -26.02 5.50 -11.83
CA ASP A 159 -25.46 4.92 -13.00
C ASP A 159 -24.36 5.89 -13.44
N PHE A 160 -23.11 5.43 -13.44
CA PHE A 160 -21.99 6.28 -13.76
C PHE A 160 -21.45 5.94 -15.13
N LYS A 161 -21.42 6.94 -16.02
CA LYS A 161 -21.12 6.75 -17.45
C LYS A 161 -20.00 7.63 -17.94
N ARG A 162 -19.42 7.25 -19.06
CA ARG A 162 -18.58 8.11 -19.86
C ARG A 162 -18.41 7.44 -21.19
N ASP A 163 -17.95 8.18 -22.20
CA ASP A 163 -17.76 7.60 -23.56
C ASP A 163 -18.99 6.80 -24.04
N GLY A 164 -20.19 7.32 -23.76
CA GLY A 164 -21.44 6.70 -24.22
C GLY A 164 -21.74 5.32 -23.66
N ALA A 165 -21.43 5.08 -22.39
CA ALA A 165 -21.74 3.78 -21.74
C ALA A 165 -21.73 3.86 -20.22
N SER A 166 -22.50 2.99 -19.59
CA SER A 166 -22.38 2.75 -18.14
C SER A 166 -21.13 1.95 -17.83
N HIS A 167 -20.34 2.45 -16.88
CA HIS A 167 -19.22 1.70 -16.33
C HIS A 167 -19.45 1.13 -14.93
N ILE A 168 -20.00 1.94 -14.03
CA ILE A 168 -20.32 1.52 -12.66
C ILE A 168 -21.80 1.81 -12.35
N LYS A 169 -22.49 0.82 -11.80
CA LYS A 169 -23.85 1.01 -11.29
C LYS A 169 -23.97 0.77 -9.79
N PHE A 170 -24.68 1.66 -9.10
CA PHE A 170 -25.05 1.41 -7.71
C PHE A 170 -26.47 0.87 -7.64
N ASN A 171 -26.67 -0.26 -6.95
CA ASN A 171 -28.02 -0.77 -6.63
C ASN A 171 -28.79 -1.36 -7.81
N ASP A 172 -28.11 -1.68 -8.89
CA ASP A 172 -28.75 -2.35 -10.00
C ASP A 172 -29.36 -3.68 -9.60
N GLN A 173 -28.73 -4.38 -8.64
CA GLN A 173 -29.28 -5.65 -8.15
C GLN A 173 -30.23 -5.42 -6.97
N GLY A 174 -30.30 -4.19 -6.48
CA GLY A 174 -31.24 -3.87 -5.42
C GLY A 174 -30.73 -4.39 -4.08
N LEU A 175 -29.41 -4.36 -3.86
CA LEU A 175 -28.85 -4.82 -2.58
C LEU A 175 -28.59 -3.71 -1.57
N LEU A 176 -28.88 -2.47 -1.90
CA LEU A 176 -28.72 -1.42 -0.88
C LEU A 176 -29.39 -1.82 0.43
N ASN A 177 -28.64 -1.68 1.53
CA ASN A 177 -29.15 -2.01 2.86
C ASN A 177 -28.52 -1.12 3.93
N ILE A 178 -29.35 -0.21 4.45
CA ILE A 178 -29.03 0.55 5.65
C ILE A 178 -29.88 0.01 6.79
N GLU A 179 -29.24 -0.60 7.78
CA GLU A 179 -30.00 -1.15 8.87
C GLU A 179 -30.40 0.00 9.79
N HIS A 180 -31.68 0.35 9.70
CA HIS A 180 -32.26 1.48 10.46
C HIS A 180 -32.35 1.06 11.92
N TRP A 181 -32.26 2.03 12.83
CA TRP A 181 -32.28 1.71 14.26
C TRP A 181 -33.63 1.13 14.60
N ARG A 182 -33.63 0.14 15.49
CA ARG A 182 -34.88 -0.33 16.06
C ARG A 182 -34.66 -0.75 17.48
N PRO A 183 -35.71 -0.67 18.31
CA PRO A 183 -35.62 -1.17 19.68
C PRO A 183 -35.73 -2.70 19.78
N LYS A 184 -35.28 -3.24 20.90
CA LYS A 184 -35.39 -4.66 21.17
C LYS A 184 -36.78 -4.98 21.74
N ILE A 185 -37.64 -5.55 20.90
CA ILE A 185 -39.05 -5.78 21.24
C ILE A 185 -39.39 -7.23 20.86
N ASP A 186 -40.05 -7.95 21.75
CA ASP A 186 -40.60 -9.28 21.42
C ASP A 186 -41.82 -9.12 20.51
N PRO A 187 -42.17 -10.16 19.72
CA PRO A 187 -43.18 -9.96 18.66
C PRO A 187 -44.62 -9.87 19.21
N PRO A 188 -45.52 -9.15 18.52
CA PRO A 188 -46.85 -8.86 19.09
C PRO A 188 -47.79 -10.07 19.16
N ASP A 210 -35.99 -12.96 11.35
CA ASP A 210 -34.96 -13.61 12.17
C ASP A 210 -34.04 -12.59 12.89
N ASP A 211 -34.34 -12.34 14.16
CA ASP A 211 -33.64 -11.35 14.95
C ASP A 211 -32.55 -11.93 15.84
N SER A 212 -32.12 -13.16 15.59
CA SER A 212 -31.25 -13.85 16.54
C SER A 212 -29.78 -13.36 16.55
N THR A 213 -29.38 -12.64 15.51
CA THR A 213 -28.08 -11.94 15.46
C THR A 213 -28.18 -10.42 15.70
N TRP A 214 -29.38 -9.91 15.98
CA TRP A 214 -29.56 -8.48 16.13
C TRP A 214 -28.88 -7.93 17.40
N TRP A 215 -28.78 -8.74 18.44
CA TRP A 215 -28.45 -8.21 19.77
C TRP A 215 -27.11 -8.81 20.23
N GLU A 216 -26.99 -9.24 21.48
CA GLU A 216 -25.76 -9.85 21.99
C GLU A 216 -25.31 -10.92 21.00
N GLU A 217 -24.01 -11.02 20.76
CA GLU A 217 -23.42 -12.11 19.95
C GLU A 217 -22.20 -12.55 20.67
N SER A 218 -21.98 -13.85 20.69
CA SER A 218 -20.88 -14.42 21.42
C SER A 218 -19.92 -15.04 20.44
N PHE A 219 -18.64 -14.79 20.64
CA PHE A 219 -17.64 -15.45 19.85
C PHE A 219 -16.31 -15.31 20.56
N GLY A 220 -15.50 -16.36 20.48
CA GLY A 220 -14.12 -16.36 20.96
C GLY A 220 -13.94 -16.05 22.43
N GLY A 221 -14.91 -16.44 23.27
CA GLY A 221 -14.79 -16.22 24.72
C GLY A 221 -15.30 -14.84 25.11
N ASN A 222 -16.06 -14.22 24.22
CA ASN A 222 -16.48 -12.85 24.43
C ASN A 222 -17.88 -12.68 23.92
N THR A 223 -18.64 -11.84 24.63
CA THR A 223 -19.99 -11.45 24.26
C THR A 223 -19.97 -9.94 24.04
N ASP A 224 -20.17 -9.57 22.78
CA ASP A 224 -20.45 -8.23 22.36
C ASP A 224 -21.85 -7.85 22.83
N SER A 225 -21.93 -6.84 23.70
CA SER A 225 -23.22 -6.35 24.22
C SER A 225 -24.07 -5.65 23.17
N LYS A 226 -23.44 -5.17 22.10
CA LYS A 226 -24.16 -4.69 20.93
C LYS A 226 -25.22 -3.62 21.27
N PRO A 227 -24.82 -2.56 21.97
CA PRO A 227 -25.81 -1.62 22.49
C PRO A 227 -26.68 -0.90 21.46
N ARG A 228 -26.21 -0.78 20.21
CA ARG A 228 -26.99 -0.09 19.19
C ARG A 228 -27.92 -1.02 18.44
N GLY A 229 -27.67 -2.31 18.54
CA GLY A 229 -28.33 -3.27 17.64
C GLY A 229 -27.77 -3.21 16.23
N PRO A 230 -28.54 -3.73 15.27
CA PRO A 230 -28.22 -3.74 13.85
C PRO A 230 -28.03 -2.34 13.32
N GLU A 231 -26.94 -2.12 12.56
CA GLU A 231 -26.64 -0.82 11.94
C GLU A 231 -25.72 -0.91 10.69
N SER A 232 -25.69 -2.06 10.03
CA SER A 232 -24.77 -2.27 8.94
C SER A 232 -25.21 -1.48 7.69
N VAL A 233 -24.22 -1.16 6.88
CA VAL A 233 -24.45 -0.50 5.63
C VAL A 233 -23.89 -1.33 4.49
N GLY A 234 -24.67 -1.50 3.44
CA GLY A 234 -24.27 -2.33 2.30
C GLY A 234 -24.81 -1.86 0.96
N LEU A 235 -24.16 -2.30 -0.12
CA LEU A 235 -24.50 -1.85 -1.46
C LEU A 235 -23.89 -2.79 -2.49
N ASP A 236 -24.64 -3.08 -3.56
CA ASP A 236 -24.05 -3.73 -4.73
C ASP A 236 -23.49 -2.70 -5.71
N ILE A 237 -22.25 -2.98 -6.14
CA ILE A 237 -21.56 -2.14 -7.09
C ILE A 237 -21.12 -3.03 -8.24
N SER A 238 -21.62 -2.68 -9.42
CA SER A 238 -21.45 -3.49 -10.61
C SER A 238 -20.44 -2.79 -11.52
N PHE A 239 -19.52 -3.57 -12.09
CA PHE A 239 -18.52 -3.04 -12.99
C PHE A 239 -18.77 -3.61 -14.37
N VAL A 240 -19.29 -2.76 -15.25
CA VAL A 240 -20.13 -3.21 -16.35
C VAL A 240 -19.18 -3.51 -17.48
N GLY A 241 -19.24 -4.72 -17.97
CA GLY A 241 -18.28 -5.15 -18.99
C GLY A 241 -16.87 -5.34 -18.46
N TYR A 242 -16.70 -5.47 -17.16
CA TYR A 242 -15.36 -5.70 -16.57
C TYR A 242 -15.27 -7.11 -16.07
N GLU A 243 -14.16 -7.76 -16.42
CA GLU A 243 -13.92 -9.16 -16.08
C GLU A 243 -12.83 -9.31 -15.01
N HIS A 244 -12.09 -8.25 -14.71
CA HIS A 244 -11.04 -8.31 -13.70
C HIS A 244 -11.23 -7.17 -12.74
N VAL A 245 -11.12 -7.45 -11.43
CA VAL A 245 -11.06 -6.42 -10.40
C VAL A 245 -9.88 -6.63 -9.47
N PHE A 246 -9.42 -5.54 -8.84
CA PHE A 246 -8.17 -5.54 -8.11
C PHE A 246 -8.23 -4.64 -6.87
N GLY A 247 -7.38 -4.94 -5.89
CA GLY A 247 -7.24 -4.12 -4.72
C GLY A 247 -7.68 -4.80 -3.44
N ILE A 248 -8.43 -4.05 -2.64
CA ILE A 248 -8.76 -4.39 -1.25
C ILE A 248 -7.73 -5.27 -0.51
N PRO A 249 -6.43 -4.89 -0.55
CA PRO A 249 -5.49 -5.60 0.28
C PRO A 249 -5.81 -5.39 1.76
N SER A 250 -5.25 -6.17 2.68
CA SER A 250 -4.24 -7.18 2.39
C SER A 250 -4.87 -8.57 2.45
N HIS A 251 -4.61 -9.39 1.43
CA HIS A 251 -5.03 -10.79 1.43
C HIS A 251 -3.97 -11.65 0.77
N ALA A 252 -3.81 -12.89 1.26
CA ALA A 252 -3.03 -13.92 0.56
C ALA A 252 -3.85 -14.45 -0.60
N SER A 253 -3.78 -13.72 -1.72
CA SER A 253 -4.70 -13.87 -2.82
C SER A 253 -4.02 -13.34 -4.07
N PRO A 254 -4.50 -13.75 -5.24
CA PRO A 254 -3.97 -13.12 -6.41
C PRO A 254 -4.36 -11.68 -6.53
N LEU A 255 -3.64 -11.00 -7.39
CA LEU A 255 -3.81 -9.59 -7.64
C LEU A 255 -5.16 -9.37 -8.35
N SER A 256 -5.46 -10.21 -9.35
CA SER A 256 -6.80 -10.29 -9.86
C SER A 256 -7.67 -11.07 -8.89
N LEU A 257 -8.68 -10.41 -8.34
CA LEU A 257 -9.41 -10.93 -7.23
C LEU A 257 -10.33 -12.06 -7.68
N LYS A 258 -10.53 -13.03 -6.83
CA LYS A 258 -11.41 -14.14 -7.14
C LYS A 258 -12.87 -13.88 -6.79
N GLN A 259 -13.74 -14.63 -7.44
CA GLN A 259 -15.10 -14.75 -7.02
C GLN A 259 -15.22 -15.43 -5.66
N THR A 260 -16.34 -15.16 -4.99
CA THR A 260 -16.52 -15.50 -3.57
C THR A 260 -17.75 -16.33 -3.28
N ARG A 261 -18.55 -16.64 -4.30
CA ARG A 261 -19.78 -17.41 -4.13
C ARG A 261 -19.67 -18.83 -4.71
N GLY A 262 -18.51 -19.42 -4.61
CA GLY A 262 -18.35 -20.84 -4.96
C GLY A 262 -18.05 -21.03 -6.43
N GLY A 263 -17.81 -22.28 -6.82
CA GLY A 263 -17.28 -22.59 -8.13
C GLY A 263 -15.80 -22.89 -8.12
N GLU A 264 -15.31 -23.44 -9.22
CA GLU A 264 -14.02 -24.09 -9.25
C GLU A 264 -12.95 -23.00 -9.35
N GLY A 265 -11.97 -23.05 -8.45
CA GLY A 265 -11.00 -21.96 -8.31
C GLY A 265 -11.60 -20.65 -7.84
N ASN A 266 -12.74 -20.72 -7.15
CA ASN A 266 -13.31 -19.55 -6.46
C ASN A 266 -13.34 -19.76 -4.94
N TYR A 267 -13.50 -18.68 -4.19
CA TYR A 267 -13.73 -18.80 -2.77
C TYR A 267 -15.20 -18.99 -2.50
N ASN A 268 -15.55 -19.35 -1.26
CA ASN A 268 -16.94 -19.50 -0.81
C ASN A 268 -17.39 -18.42 0.14
N GLU A 269 -16.44 -17.63 0.60
CA GLU A 269 -16.66 -16.61 1.59
C GLU A 269 -16.31 -15.28 0.93
N PRO A 270 -16.91 -14.18 1.38
CA PRO A 270 -16.42 -12.90 0.86
C PRO A 270 -15.02 -12.57 1.36
N TYR A 271 -14.36 -11.69 0.64
CA TYR A 271 -13.16 -11.07 1.12
C TYR A 271 -13.49 -10.26 2.36
N ARG A 272 -12.65 -10.40 3.38
CA ARG A 272 -12.86 -9.77 4.67
C ARG A 272 -11.80 -8.74 4.96
N MET A 273 -12.23 -7.58 5.45
CA MET A 273 -11.32 -6.62 6.01
C MET A 273 -11.62 -6.34 7.48
N TYR A 274 -10.82 -6.95 8.35
CA TYR A 274 -10.91 -6.74 9.77
C TYR A 274 -9.57 -6.97 10.44
N ASN A 275 -8.77 -5.94 10.44
CA ASN A 275 -7.37 -6.05 10.81
C ASN A 275 -7.21 -6.96 12.01
N ALA A 276 -6.42 -8.01 11.86
CA ALA A 276 -6.27 -9.00 12.86
C ALA A 276 -4.88 -9.63 12.83
N ASP A 277 -4.50 -10.19 13.97
CA ASP A 277 -3.24 -10.91 14.13
C ASP A 277 -3.49 -12.36 13.74
N VAL A 278 -3.14 -12.72 12.52
CA VAL A 278 -3.41 -14.07 11.99
C VAL A 278 -2.12 -14.87 11.89
N PHE A 279 -1.78 -15.46 13.04
CA PHE A 279 -0.80 -16.54 13.18
C PHE A 279 -0.86 -17.57 12.06
N GLU A 280 0.22 -17.70 11.31
CA GLU A 280 0.36 -18.78 10.33
C GLU A 280 -0.79 -18.69 9.36
N TYR A 281 -1.01 -17.50 8.85
CA TYR A 281 -2.05 -17.27 7.87
C TYR A 281 -1.73 -18.11 6.65
N ILE A 282 -2.80 -18.62 6.03
CA ILE A 282 -2.69 -19.58 4.93
C ILE A 282 -2.62 -18.86 3.59
N LEU A 283 -2.20 -19.60 2.59
CA LEU A 283 -2.22 -19.12 1.23
C LEU A 283 -3.60 -19.17 0.66
N ASP A 284 -3.85 -18.32 -0.33
CA ASP A 284 -4.97 -18.44 -1.24
C ASP A 284 -6.29 -18.39 -0.48
N SER A 285 -6.59 -17.24 0.12
CA SER A 285 -7.70 -17.18 1.04
C SER A 285 -8.23 -15.77 1.14
N PRO A 286 -9.57 -15.63 1.28
CA PRO A 286 -10.21 -14.33 1.52
C PRO A 286 -10.27 -13.89 2.99
N MET A 287 -9.73 -14.70 3.88
CA MET A 287 -9.60 -14.32 5.30
C MET A 287 -8.81 -13.00 5.44
N THR A 288 -9.26 -12.16 6.35
CA THR A 288 -8.59 -10.90 6.65
C THR A 288 -7.16 -11.16 7.12
N LEU A 289 -6.28 -10.21 6.84
CA LEU A 289 -4.99 -10.18 7.48
C LEU A 289 -4.93 -8.93 8.37
N TYR A 290 -3.81 -8.23 8.39
CA TYR A 290 -3.44 -7.26 9.42
C TYR A 290 -3.87 -5.83 9.07
N GLY A 291 -3.96 -5.52 7.77
CA GLY A 291 -4.36 -4.21 7.33
C GLY A 291 -5.41 -4.27 6.23
N SER A 292 -6.10 -3.15 5.99
CA SER A 292 -7.21 -3.09 5.09
C SER A 292 -7.23 -1.75 4.38
N ILE A 293 -7.36 -1.78 3.07
CA ILE A 293 -7.56 -0.61 2.26
C ILE A 293 -8.72 -0.87 1.31
N PRO A 294 -9.92 -0.34 1.62
CA PRO A 294 -11.12 -0.69 0.84
C PRO A 294 -11.30 0.12 -0.43
N PHE A 295 -10.40 -0.17 -1.38
CA PHE A 295 -10.25 0.51 -2.65
C PHE A 295 -10.16 -0.58 -3.72
N MET A 296 -11.09 -0.56 -4.65
CA MET A 296 -11.14 -1.56 -5.70
C MET A 296 -11.15 -0.86 -7.06
N GLN A 297 -10.41 -1.46 -7.99
CA GLN A 297 -10.36 -1.00 -9.35
C GLN A 297 -10.78 -2.12 -10.30
N ALA A 298 -11.35 -1.73 -11.44
CA ALA A 298 -11.68 -2.69 -12.47
C ALA A 298 -11.03 -2.24 -13.77
N HIS A 299 -10.49 -3.21 -14.48
CA HIS A 299 -9.60 -2.94 -15.60
C HIS A 299 -9.99 -3.84 -16.76
N ARG A 300 -9.99 -3.26 -17.94
CA ARG A 300 -10.03 -4.03 -19.15
C ARG A 300 -9.24 -3.27 -20.17
N LYS A 301 -9.20 -3.80 -21.40
CA LYS A 301 -8.50 -3.14 -22.48
C LYS A 301 -8.92 -1.69 -22.59
N ASP A 302 -7.96 -0.79 -22.45
CA ASP A 302 -8.15 0.65 -22.63
C ASP A 302 -9.33 1.28 -21.86
N SER A 303 -9.72 0.66 -20.75
CA SER A 303 -10.70 1.26 -19.85
C SER A 303 -10.53 0.83 -18.40
N SER A 304 -10.54 1.80 -17.50
CA SER A 304 -10.34 1.57 -16.07
C SER A 304 -11.28 2.42 -15.25
N VAL A 305 -11.84 1.84 -14.19
CA VAL A 305 -12.63 2.57 -13.21
C VAL A 305 -12.35 2.02 -11.82
N GLY A 306 -12.89 2.67 -10.81
CA GLY A 306 -12.72 2.17 -9.44
C GLY A 306 -13.58 2.82 -8.41
N ILE A 307 -13.56 2.28 -7.21
CA ILE A 307 -14.29 2.86 -6.12
C ILE A 307 -13.51 2.72 -4.83
N PHE A 308 -13.82 3.62 -3.91
CA PHE A 308 -13.24 3.65 -2.61
C PHE A 308 -14.34 3.81 -1.55
N TRP A 309 -14.42 2.80 -0.71
CA TRP A 309 -15.52 2.56 0.19
C TRP A 309 -14.98 3.06 1.51
N LEU A 310 -15.25 4.31 1.85
CA LEU A 310 -14.63 4.95 2.99
C LEU A 310 -15.41 4.59 4.26
N ASN A 311 -14.99 3.48 4.87
CA ASN A 311 -15.59 2.96 6.09
C ASN A 311 -14.54 2.26 6.93
N ALA A 312 -14.53 2.54 8.24
CA ALA A 312 -13.50 2.03 9.14
C ALA A 312 -13.91 0.81 9.91
N ALA A 313 -15.15 0.37 9.71
CA ALA A 313 -15.66 -0.82 10.40
C ALA A 313 -15.41 -2.14 9.61
N GLU A 314 -15.61 -3.26 10.29
CA GLU A 314 -15.51 -4.57 9.66
C GLU A 314 -16.23 -4.51 8.35
N THR A 315 -15.54 -4.91 7.28
CA THR A 315 -16.10 -4.79 5.94
C THR A 315 -15.88 -6.10 5.20
N TRP A 316 -16.92 -6.59 4.51
CA TRP A 316 -16.81 -7.80 3.67
C TRP A 316 -17.16 -7.44 2.23
N VAL A 317 -16.52 -8.09 1.26
CA VAL A 317 -16.82 -7.85 -0.17
C VAL A 317 -17.02 -9.16 -0.90
N ASP A 318 -18.24 -9.38 -1.40
CA ASP A 318 -18.51 -10.50 -2.29
C ASP A 318 -18.28 -10.05 -3.72
N ILE A 319 -17.88 -10.99 -4.57
CA ILE A 319 -17.58 -10.72 -5.96
C ILE A 319 -18.12 -11.90 -6.76
N THR A 320 -18.92 -11.61 -7.78
CA THR A 320 -19.33 -12.63 -8.76
C THR A 320 -19.11 -12.08 -10.15
N LYS A 321 -18.97 -12.96 -11.13
CA LYS A 321 -18.76 -12.55 -12.51
C LYS A 321 -19.71 -13.36 -13.36
N GLY A 322 -20.37 -12.68 -14.29
CA GLY A 322 -21.19 -13.37 -15.26
C GLY A 322 -21.87 -12.42 -16.22
N LYS A 323 -22.70 -13.00 -17.06
CA LYS A 323 -23.64 -12.27 -17.89
C LYS A 323 -24.58 -11.37 -17.10
N ASP A 324 -25.23 -10.50 -17.84
CA ASP A 324 -26.09 -9.44 -17.32
C ASP A 324 -27.47 -9.95 -16.86
N SER A 325 -27.89 -11.06 -17.42
CA SER A 325 -29.14 -11.70 -17.06
C SER A 325 -29.17 -12.12 -15.57
N LYS A 326 -30.37 -12.17 -15.00
CA LYS A 326 -30.53 -12.52 -13.58
C LYS A 326 -30.02 -13.95 -13.22
N ASN A 327 -30.30 -14.93 -14.08
CA ASN A 327 -29.46 -16.13 -14.20
C ASN A 327 -28.25 -15.89 -15.13
N PRO A 328 -27.04 -15.77 -14.53
CA PRO A 328 -25.84 -15.40 -15.30
C PRO A 328 -25.37 -16.48 -16.24
N LEU A 329 -25.98 -17.66 -16.17
CA LEU A 329 -25.65 -18.75 -17.04
C LEU A 329 -26.72 -19.03 -18.10
N ALA A 330 -27.62 -18.08 -18.32
CA ALA A 330 -28.76 -18.33 -19.20
C ALA A 330 -28.30 -18.31 -20.66
N LEU A 331 -29.05 -19.01 -21.49
CA LEU A 331 -28.94 -18.87 -22.92
C LEU A 331 -29.83 -17.71 -23.41
N GLY A 332 -29.63 -17.31 -24.67
CA GLY A 332 -30.50 -16.32 -25.28
C GLY A 332 -30.09 -14.88 -25.03
N VAL A 333 -28.92 -14.68 -24.42
CA VAL A 333 -28.48 -13.33 -24.10
C VAL A 333 -27.05 -13.02 -24.57
N LYS A 334 -26.73 -11.72 -24.60
CA LYS A 334 -25.36 -11.23 -24.80
C LYS A 334 -24.38 -11.91 -23.83
N SER A 335 -23.20 -12.28 -24.33
CA SER A 335 -22.18 -12.96 -23.51
C SER A 335 -21.33 -12.00 -22.63
N LYS A 336 -21.41 -10.69 -22.86
CA LYS A 336 -20.54 -9.74 -22.18
C LYS A 336 -20.60 -9.88 -20.65
N ILE A 337 -19.43 -10.01 -20.04
CA ILE A 337 -19.32 -10.24 -18.60
C ILE A 337 -19.38 -8.92 -17.81
N THR A 338 -20.17 -8.90 -16.75
CA THR A 338 -20.11 -7.87 -15.74
C THR A 338 -19.63 -8.47 -14.40
N THR A 339 -18.78 -7.73 -13.67
CA THR A 339 -18.42 -8.15 -12.33
C THR A 339 -19.31 -7.47 -11.30
N ARG A 340 -19.97 -8.27 -10.49
CA ARG A 340 -20.87 -7.78 -9.44
C ARG A 340 -20.15 -7.83 -8.11
N THR A 341 -20.12 -6.71 -7.39
CA THR A 341 -19.55 -6.75 -6.07
C THR A 341 -20.55 -6.28 -5.06
N HIS A 342 -20.45 -6.84 -3.88
CA HIS A 342 -21.38 -6.58 -2.82
C HIS A 342 -20.61 -6.25 -1.55
N TRP A 343 -20.65 -4.98 -1.17
CA TRP A 343 -19.87 -4.42 -0.09
C TRP A 343 -20.78 -4.29 1.12
N PHE A 344 -20.30 -4.66 2.31
CA PHE A 344 -21.01 -4.27 3.52
C PHE A 344 -20.12 -4.15 4.75
N SER A 345 -20.43 -3.13 5.55
CA SER A 345 -19.67 -2.81 6.75
C SER A 345 -20.60 -2.79 7.96
N GLU A 346 -20.06 -3.07 9.13
CA GLU A 346 -20.82 -3.22 10.37
C GLU A 346 -21.57 -1.97 10.83
N SER A 347 -20.99 -0.81 10.58
CA SER A 347 -21.54 0.45 11.07
C SER A 347 -20.97 1.63 10.30
N GLY A 348 -21.42 2.83 10.66
CA GLY A 348 -20.92 4.08 10.09
C GLY A 348 -21.74 4.52 8.90
N LEU A 349 -21.21 5.44 8.09
CA LEU A 349 -21.92 5.94 6.92
C LEU A 349 -21.67 4.99 5.80
N LEU A 350 -22.59 4.94 4.84
CA LEU A 350 -22.27 4.48 3.52
C LEU A 350 -21.70 5.67 2.82
N ASP A 351 -20.47 5.54 2.35
CA ASP A 351 -19.66 6.65 1.87
C ASP A 351 -18.68 6.10 0.84
N VAL A 352 -18.86 6.48 -0.41
CA VAL A 352 -18.13 5.86 -1.51
C VAL A 352 -17.69 6.91 -2.50
N PHE A 353 -16.45 6.76 -2.96
CA PHE A 353 -15.94 7.55 -4.04
C PHE A 353 -15.88 6.74 -5.32
N VAL A 354 -16.13 7.40 -6.45
CA VAL A 354 -16.19 6.74 -7.76
C VAL A 354 -15.20 7.39 -8.73
N PHE A 355 -14.27 6.59 -9.23
CA PHE A 355 -13.25 7.04 -10.16
C PHE A 355 -13.52 6.50 -11.55
N LEU A 356 -13.47 7.35 -12.57
CA LEU A 356 -13.79 6.94 -13.92
C LEU A 356 -12.57 6.95 -14.85
N GLY A 357 -11.42 7.35 -14.34
CA GLY A 357 -10.18 6.97 -14.98
C GLY A 357 -9.92 7.92 -16.12
N PRO A 358 -9.68 7.39 -17.32
CA PRO A 358 -9.94 6.05 -17.83
C PRO A 358 -8.74 5.09 -17.83
N THR A 359 -7.57 5.56 -17.40
CA THR A 359 -6.42 4.67 -17.17
C THR A 359 -6.16 4.34 -15.69
N PRO A 360 -5.43 3.23 -15.43
CA PRO A 360 -5.00 2.89 -14.08
C PRO A 360 -4.23 3.99 -13.40
N LYS A 361 -3.29 4.57 -14.13
CA LYS A 361 -2.57 5.73 -13.64
C LYS A 361 -3.54 6.83 -13.16
N ASP A 362 -4.57 7.13 -13.95
CA ASP A 362 -5.54 8.15 -13.55
C ASP A 362 -6.19 7.81 -12.20
N ILE A 363 -6.61 6.58 -12.05
CA ILE A 363 -7.42 6.20 -10.92
C ILE A 363 -6.63 6.33 -9.63
N ILE A 364 -5.41 5.81 -9.65
CA ILE A 364 -4.57 5.69 -8.48
C ILE A 364 -4.06 7.07 -8.12
N SER A 365 -3.79 7.84 -9.15
CA SER A 365 -3.45 9.24 -8.99
C SER A 365 -4.54 10.08 -8.27
N LYS A 366 -5.79 9.91 -8.70
CA LYS A 366 -6.94 10.52 -8.03
C LYS A 366 -7.12 9.99 -6.62
N TYR A 367 -6.98 8.68 -6.43
CA TYR A 367 -7.13 8.09 -5.11
C TYR A 367 -6.13 8.72 -4.16
N ALA A 368 -4.94 8.94 -4.67
CA ALA A 368 -3.87 9.48 -3.84
C ALA A 368 -4.05 10.97 -3.51
N GLU A 369 -4.66 11.72 -4.41
CA GLU A 369 -5.02 13.09 -4.12
C GLU A 369 -5.96 13.11 -2.92
N LEU A 370 -6.94 12.19 -2.91
CA LEU A 370 -7.86 12.06 -1.76
C LEU A 370 -7.21 11.59 -0.48
N THR A 371 -6.42 10.52 -0.53
CA THR A 371 -5.94 9.86 0.70
C THR A 371 -4.47 10.12 0.97
N GLY A 372 -3.79 10.77 0.04
CA GLY A 372 -2.39 11.09 0.26
C GLY A 372 -1.45 10.22 -0.58
N THR A 373 -0.33 10.82 -0.95
CA THR A 373 0.77 10.14 -1.55
C THR A 373 1.71 9.54 -0.53
N THR A 374 2.61 8.71 -1.07
CA THR A 374 3.67 8.12 -0.25
C THR A 374 4.57 9.25 0.32
N ALA A 375 4.82 9.21 1.62
CA ALA A 375 5.71 10.17 2.26
C ALA A 375 7.10 10.03 1.66
N MET A 376 7.83 11.13 1.57
CA MET A 376 9.26 11.04 1.26
C MET A 376 9.92 10.19 2.35
N PRO A 377 10.60 9.12 1.96
CA PRO A 377 11.19 8.24 2.95
C PRO A 377 12.57 8.73 3.40
N GLN A 378 13.01 8.31 4.57
CA GLN A 378 14.42 8.19 4.83
C GLN A 378 15.09 7.37 3.75
N GLU A 379 16.11 7.94 3.11
CA GLU A 379 16.88 7.22 2.10
C GLU A 379 17.42 5.89 2.64
N PHE A 380 17.82 5.81 3.90
CA PHE A 380 18.41 4.56 4.37
C PHE A 380 17.38 3.46 4.36
N SER A 381 16.10 3.81 4.49
CA SER A 381 15.06 2.78 4.62
C SER A 381 14.81 1.99 3.34
N LEU A 382 15.37 2.45 2.20
CA LEU A 382 15.42 1.64 0.98
C LEU A 382 16.58 0.64 0.95
N GLY A 383 17.48 0.72 1.90
CA GLY A 383 18.55 -0.27 2.03
C GLY A 383 18.08 -1.62 2.56
N TYR A 384 19.02 -2.53 2.77
CA TYR A 384 18.68 -3.84 3.33
C TYR A 384 18.62 -3.79 4.85
N HIS A 385 17.55 -4.36 5.40
CA HIS A 385 17.28 -4.34 6.81
C HIS A 385 17.47 -5.73 7.34
N GLN A 386 18.22 -5.84 8.44
CA GLN A 386 18.53 -7.14 9.05
C GLN A 386 17.88 -7.25 10.44
N CYS A 387 17.05 -8.28 10.61
CA CYS A 387 16.16 -8.40 11.75
C CYS A 387 16.01 -9.86 12.10
N ARG A 388 15.76 -10.12 13.38
CA ARG A 388 15.13 -11.36 13.81
C ARG A 388 14.49 -11.13 15.16
N TRP A 389 13.72 -12.10 15.60
CA TRP A 389 13.30 -12.22 16.98
C TRP A 389 14.21 -13.25 17.69
N ASN A 390 15.31 -12.85 18.33
CA ASN A 390 15.72 -11.48 18.67
C ASN A 390 17.24 -11.50 18.52
N TYR A 391 17.85 -10.36 18.28
CA TYR A 391 19.23 -10.18 18.71
C TYR A 391 19.21 -9.94 20.22
N VAL A 392 20.08 -10.66 20.93
CA VAL A 392 19.87 -10.92 22.36
C VAL A 392 20.72 -10.00 23.27
N SER A 393 21.77 -9.40 22.75
CA SER A 393 22.50 -8.36 23.49
C SER A 393 23.00 -7.30 22.55
N ASP A 394 23.55 -6.23 23.11
CA ASP A 394 24.34 -5.30 22.31
C ASP A 394 25.58 -5.92 21.70
N GLU A 395 26.21 -6.90 22.37
CA GLU A 395 27.29 -7.68 21.74
C GLU A 395 26.85 -8.51 20.53
N ASP A 396 25.64 -9.04 20.57
CA ASP A 396 25.10 -9.77 19.42
C ASP A 396 25.02 -8.80 18.21
N VAL A 397 24.37 -7.66 18.42
CA VAL A 397 24.21 -6.65 17.39
C VAL A 397 25.56 -6.25 16.78
N LYS A 398 26.47 -5.85 17.66
CA LYS A 398 27.77 -5.36 17.23
C LYS A 398 28.55 -6.44 16.51
N ASP A 399 28.35 -7.69 16.90
CA ASP A 399 29.04 -8.78 16.23
C ASP A 399 28.45 -9.04 14.84
N VAL A 400 27.12 -8.93 14.74
CA VAL A 400 26.46 -9.11 13.45
C VAL A 400 26.90 -8.04 12.45
N ASP A 401 26.87 -6.79 12.89
CA ASP A 401 27.46 -5.65 12.17
C ASP A 401 28.84 -5.96 11.56
N ARG A 402 29.75 -6.48 12.39
CA ARG A 402 31.10 -6.78 11.92
C ARG A 402 31.10 -7.95 10.98
N LYS A 403 30.26 -8.94 11.22
CA LYS A 403 30.21 -10.12 10.32
C LYS A 403 29.69 -9.78 8.93
N MET A 404 28.71 -8.88 8.85
CA MET A 404 28.21 -8.46 7.54
C MET A 404 29.34 -7.77 6.73
N ASP A 405 30.12 -6.91 7.38
CA ASP A 405 31.26 -6.27 6.70
C ASP A 405 32.34 -7.29 6.25
N LYS A 406 32.60 -8.27 7.09
CA LYS A 406 33.57 -9.31 6.79
C LYS A 406 33.19 -10.12 5.55
N PHE A 407 31.91 -10.44 5.42
CA PHE A 407 31.43 -11.18 4.24
C PHE A 407 30.91 -10.28 3.12
N ASN A 408 31.23 -8.99 3.20
CA ASN A 408 31.01 -8.07 2.11
C ASN A 408 29.54 -8.10 1.71
N MET A 409 28.70 -8.04 2.74
CA MET A 409 27.26 -8.02 2.58
C MET A 409 26.75 -6.70 3.12
N PRO A 410 26.48 -5.75 2.23
CA PRO A 410 26.01 -4.44 2.66
C PRO A 410 24.61 -4.47 3.28
N TYR A 411 24.39 -3.58 4.24
CA TYR A 411 23.08 -3.39 4.84
C TYR A 411 23.05 -2.06 5.51
N ASP A 412 21.85 -1.52 5.72
CA ASP A 412 21.70 -0.19 6.33
C ASP A 412 21.17 -0.19 7.76
N VAL A 413 20.45 -1.23 8.18
CA VAL A 413 19.72 -1.15 9.46
C VAL A 413 19.74 -2.49 10.16
N ILE A 414 19.96 -2.46 11.46
CA ILE A 414 19.79 -3.66 12.24
C ILE A 414 18.66 -3.43 13.23
N TRP A 415 17.86 -4.47 13.46
CA TRP A 415 16.53 -4.31 14.03
C TRP A 415 16.51 -5.00 15.40
N LEU A 416 15.87 -4.38 16.38
CA LEU A 416 15.69 -5.00 17.68
C LEU A 416 14.20 -5.25 17.96
N ASP A 417 13.88 -6.53 18.13
CA ASP A 417 12.56 -6.96 18.51
C ASP A 417 12.44 -6.97 20.05
N ILE A 418 11.30 -7.44 20.54
CA ILE A 418 10.78 -7.09 21.87
C ILE A 418 11.66 -7.49 23.08
N GLU A 419 12.50 -8.53 22.91
CA GLU A 419 13.41 -8.95 24.00
C GLU A 419 14.45 -7.88 24.42
N TYR A 420 14.53 -6.77 23.70
CA TYR A 420 15.42 -5.66 24.12
C TYR A 420 14.84 -4.88 25.30
N THR A 421 13.52 -4.96 25.51
CA THR A 421 12.85 -4.22 26.57
C THR A 421 13.15 -4.81 27.94
N ASP A 422 12.85 -4.02 28.98
CA ASP A 422 12.84 -4.56 30.34
C ASP A 422 11.52 -5.25 30.59
N GLU A 423 11.48 -6.57 30.45
CA GLU A 423 10.27 -7.36 30.76
C GLU A 423 9.01 -6.82 30.05
N LYS A 424 9.19 -6.49 28.77
CA LYS A 424 8.13 -6.05 27.87
C LYS A 424 7.52 -4.67 28.19
N LYS A 425 8.29 -3.86 28.92
CA LYS A 425 7.93 -2.46 29.09
C LYS A 425 8.57 -1.61 27.98
N TYR A 426 7.74 -0.94 27.19
CA TYR A 426 8.22 -0.03 26.17
C TYR A 426 8.82 1.24 26.78
N PHE A 427 9.81 1.79 26.07
CA PHE A 427 10.62 2.89 26.54
C PHE A 427 11.50 2.50 27.72
N THR A 428 11.88 1.21 27.78
CA THR A 428 12.94 0.76 28.65
C THR A 428 13.83 -0.16 27.89
N TRP A 429 14.96 -0.48 28.50
CA TRP A 429 15.88 -1.52 28.04
C TRP A 429 16.17 -2.53 29.14
N ASP A 430 16.41 -3.77 28.74
CA ASP A 430 16.98 -4.77 29.61
C ASP A 430 18.42 -4.40 29.91
N LYS A 431 18.73 -4.13 31.18
CA LYS A 431 20.07 -3.69 31.55
C LYS A 431 21.10 -4.84 31.56
N HIS A 432 20.67 -6.03 32.00
CA HIS A 432 21.51 -7.24 31.92
C HIS A 432 22.05 -7.40 30.51
N SER A 433 21.18 -7.24 29.51
CA SER A 433 21.49 -7.69 28.16
C SER A 433 21.94 -6.54 27.23
N PHE A 434 21.37 -5.36 27.43
CA PHE A 434 21.74 -4.20 26.65
C PHE A 434 22.36 -3.11 27.54
N LYS A 435 23.68 -3.25 27.76
CA LYS A 435 24.42 -2.47 28.75
C LYS A 435 24.61 -1.06 28.24
N ASP A 436 25.03 -0.97 26.99
CA ASP A 436 25.49 0.28 26.42
C ASP A 436 24.84 0.43 25.03
N PRO A 437 23.53 0.73 25.00
CA PRO A 437 22.79 0.97 23.76
C PRO A 437 23.25 2.21 22.98
N ILE A 438 23.69 3.23 23.70
CA ILE A 438 24.40 4.35 23.07
C ILE A 438 25.67 3.91 22.30
N GLY A 439 26.49 3.06 22.90
CA GLY A 439 27.74 2.63 22.28
C GLY A 439 27.48 1.78 21.05
N MET A 440 26.43 0.98 21.13
CA MET A 440 25.96 0.17 20.03
C MET A 440 25.48 1.01 18.84
N GLY A 441 24.50 1.87 19.10
CA GLY A 441 24.29 3.12 18.37
C GLY A 441 25.45 3.70 17.59
N LYS A 442 26.58 3.91 18.27
CA LYS A 442 27.66 4.72 17.70
C LYS A 442 28.54 3.86 16.79
N GLN A 443 28.70 2.58 17.11
CA GLN A 443 29.34 1.67 16.16
C GLN A 443 28.59 1.66 14.80
N LEU A 444 27.27 1.69 14.85
CA LEU A 444 26.49 1.65 13.63
C LEU A 444 26.68 2.93 12.89
N GLU A 445 26.61 4.05 13.61
CA GLU A 445 26.83 5.36 13.00
C GLU A 445 28.18 5.47 12.30
N ALA A 446 29.16 4.65 12.65
CA ALA A 446 30.44 4.65 11.95
C ALA A 446 30.31 4.29 10.48
N HIS A 447 29.26 3.58 10.11
CA HIS A 447 29.01 3.24 8.72
C HIS A 447 27.72 3.88 8.14
N GLY A 448 27.31 4.99 8.73
CA GLY A 448 25.99 5.55 8.45
C GLY A 448 24.79 4.61 8.63
N ARG A 449 24.95 3.55 9.42
CA ARG A 449 23.85 2.62 9.66
C ARG A 449 22.96 3.09 10.80
N LYS A 450 21.83 2.40 10.95
CA LYS A 450 20.76 2.81 11.83
C LYS A 450 20.34 1.63 12.66
N LEU A 451 19.58 1.95 13.70
CA LEU A 451 18.98 0.96 14.58
C LEU A 451 17.50 1.11 14.55
N VAL A 452 16.76 0.02 14.40
CA VAL A 452 15.32 0.10 14.61
C VAL A 452 14.89 -0.74 15.81
N THR A 453 14.07 -0.12 16.66
CA THR A 453 13.56 -0.77 17.86
C THR A 453 12.04 -0.80 17.88
N ILE A 454 11.50 -1.92 18.31
CA ILE A 454 10.06 -2.11 18.36
C ILE A 454 9.40 -1.37 19.55
N ILE A 455 8.29 -0.71 19.27
CA ILE A 455 7.39 -0.20 20.29
C ILE A 455 5.97 -0.56 19.88
N ASP A 456 5.27 -1.32 20.72
CA ASP A 456 3.90 -1.74 20.43
C ASP A 456 2.93 -0.97 21.34
N PRO A 457 1.62 -1.07 21.07
CA PRO A 457 0.72 -0.09 21.72
C PRO A 457 0.20 -0.54 23.09
N HIS A 458 0.65 -1.70 23.52
CA HIS A 458 0.23 -2.20 24.79
C HIS A 458 1.24 -1.85 25.90
N ILE A 459 0.71 -1.32 26.99
CA ILE A 459 1.55 -0.73 28.03
C ILE A 459 1.35 -1.58 29.27
N LYS A 460 2.43 -2.18 29.78
CA LYS A 460 2.32 -3.16 30.89
C LYS A 460 1.63 -2.58 32.14
N ASN A 461 0.68 -3.34 32.68
CA ASN A 461 -0.06 -2.92 33.86
C ASN A 461 0.70 -3.41 35.06
N THR A 462 1.64 -2.60 35.51
CA THR A 462 2.53 -2.99 36.61
C THR A 462 2.81 -1.75 37.46
N ASN A 463 3.66 -1.92 38.46
CA ASN A 463 4.00 -0.89 39.44
C ASN A 463 5.39 -0.38 39.10
N ASN A 464 5.64 0.87 39.47
CA ASN A 464 6.92 1.57 39.20
C ASN A 464 7.20 1.68 37.70
N TYR A 465 6.16 2.03 36.96
CA TYR A 465 6.26 2.19 35.52
C TYR A 465 5.50 3.47 35.16
N PRO A 466 6.23 4.60 35.16
CA PRO A 466 5.74 5.96 34.86
C PRO A 466 4.88 6.09 33.61
N VAL A 467 5.22 5.30 32.60
CA VAL A 467 4.47 5.27 31.36
C VAL A 467 3.05 4.80 31.61
N VAL A 468 2.86 3.72 32.35
CA VAL A 468 1.48 3.27 32.62
C VAL A 468 0.68 4.26 33.51
N ASP A 469 1.36 4.78 34.55
CA ASP A 469 0.77 5.75 35.49
C ASP A 469 0.23 6.95 34.77
N GLU A 470 1.07 7.53 33.92
CA GLU A 470 0.66 8.66 33.10
C GLU A 470 -0.49 8.30 32.16
N LEU A 471 -0.47 7.08 31.61
CA LEU A 471 -1.52 6.63 30.68
C LEU A 471 -2.89 6.57 31.34
N LYS A 472 -2.91 5.93 32.50
CA LYS A 472 -4.12 5.90 33.35
C LYS A 472 -4.54 7.31 33.76
N SER A 473 -3.64 8.03 34.42
CA SER A 473 -4.01 9.24 35.14
C SER A 473 -4.46 10.30 34.16
N LYS A 474 -3.79 10.37 33.01
CA LYS A 474 -4.19 11.29 31.94
C LYS A 474 -5.36 10.78 31.09
N ASP A 475 -5.81 9.56 31.36
CA ASP A 475 -7.03 9.04 30.74
C ASP A 475 -6.76 8.85 29.24
N LEU A 476 -5.68 8.17 28.92
CA LEU A 476 -5.21 8.07 27.54
C LEU A 476 -5.44 6.66 26.97
N ALA A 477 -6.12 5.82 27.74
CA ALA A 477 -6.21 4.40 27.47
C ALA A 477 -7.56 4.08 26.84
N VAL A 478 -7.59 2.97 26.11
CA VAL A 478 -8.85 2.50 25.53
C VAL A 478 -9.72 1.94 26.66
N LYS A 479 -11.03 2.09 26.51
CA LYS A 479 -12.01 1.79 27.54
C LYS A 479 -12.95 0.67 27.15
N THR A 480 -13.54 0.02 28.17
CA THR A 480 -14.56 -0.99 27.98
C THR A 480 -15.88 -0.32 27.71
N LYS A 481 -16.90 -1.15 27.56
CA LYS A 481 -18.23 -0.74 27.25
C LYS A 481 -18.93 0.09 28.31
N ASP A 482 -18.44 0.07 29.54
CA ASP A 482 -19.00 0.90 30.64
C ASP A 482 -18.05 2.02 31.11
N GLY A 483 -17.09 2.40 30.27
CA GLY A 483 -16.21 3.52 30.58
C GLY A 483 -15.01 3.23 31.47
N SER A 484 -14.92 2.02 32.04
CA SER A 484 -13.69 1.53 32.67
C SER A 484 -12.54 1.39 31.69
N ILE A 485 -11.35 1.37 32.25
CA ILE A 485 -10.14 1.25 31.48
C ILE A 485 -10.00 -0.20 31.04
N PHE A 486 -9.85 -0.42 29.74
CA PHE A 486 -9.72 -1.77 29.19
C PHE A 486 -8.41 -2.38 29.61
N GLU A 487 -8.48 -3.66 29.96
CA GLU A 487 -7.33 -4.44 30.33
C GLU A 487 -7.40 -5.75 29.57
N GLY A 488 -6.25 -6.19 29.08
CA GLY A 488 -6.15 -7.50 28.48
C GLY A 488 -4.70 -7.89 28.39
N TRP A 489 -4.46 -9.00 27.70
CA TRP A 489 -3.19 -9.69 27.80
C TRP A 489 -2.47 -9.60 26.46
N CYS A 490 -1.22 -9.19 26.49
CA CYS A 490 -0.30 -9.32 25.36
C CYS A 490 1.07 -9.73 25.85
N TRP A 491 2.13 -9.35 25.13
CA TRP A 491 3.49 -9.76 25.50
C TRP A 491 3.81 -9.62 26.99
N PRO A 492 3.41 -8.49 27.61
CA PRO A 492 3.87 -8.22 28.97
C PRO A 492 3.01 -8.88 30.07
N GLY A 493 2.04 -9.70 29.69
CA GLY A 493 0.94 -10.01 30.57
C GLY A 493 -0.14 -8.96 30.54
N SER A 494 -0.79 -8.79 31.69
CA SER A 494 -1.82 -7.80 31.82
C SER A 494 -1.30 -6.46 31.32
N SER A 495 -2.11 -5.77 30.50
CA SER A 495 -1.70 -4.53 29.84
C SER A 495 -2.88 -3.63 29.63
N HIS A 496 -2.61 -2.35 29.42
CA HIS A 496 -3.61 -1.43 28.87
C HIS A 496 -3.14 -0.97 27.50
N TRP A 497 -4.03 -0.34 26.73
CA TRP A 497 -3.74 0.08 25.37
C TRP A 497 -3.87 1.58 25.20
N ILE A 498 -2.86 2.22 24.59
CA ILE A 498 -2.98 3.64 24.29
C ILE A 498 -4.14 3.85 23.30
N ASP A 499 -4.94 4.88 23.52
CA ASP A 499 -6.01 5.21 22.59
C ASP A 499 -5.55 6.31 21.67
N ALA A 500 -4.95 5.91 20.55
CA ALA A 500 -4.32 6.86 19.69
C ALA A 500 -5.31 7.70 18.87
N PHE A 501 -6.61 7.38 18.94
CA PHE A 501 -7.63 8.28 18.37
C PHE A 501 -7.67 9.62 19.12
N ASN A 502 -7.14 9.64 20.34
CA ASN A 502 -7.22 10.81 21.17
C ASN A 502 -6.03 11.72 20.90
N PRO A 503 -6.31 12.91 20.36
CA PRO A 503 -5.20 13.83 20.10
C PRO A 503 -4.26 13.98 21.29
N ALA A 504 -4.78 14.05 22.52
CA ALA A 504 -3.92 14.18 23.71
C ALA A 504 -3.04 12.97 23.94
N ALA A 505 -3.51 11.79 23.57
CA ALA A 505 -2.66 10.60 23.71
C ALA A 505 -1.50 10.67 22.70
N ARG A 506 -1.77 11.25 21.54
CA ARG A 506 -0.72 11.43 20.54
C ARG A 506 0.32 12.47 20.95
N GLU A 507 -0.17 13.61 21.42
CA GLU A 507 0.69 14.65 21.99
C GLU A 507 1.56 14.09 23.14
N TRP A 508 0.94 13.37 24.07
CA TRP A 508 1.66 12.68 25.13
C TRP A 508 2.77 11.79 24.56
N TRP A 509 2.39 10.88 23.66
CA TRP A 509 3.30 9.87 23.07
C TRP A 509 4.54 10.53 22.48
N LYS A 510 4.33 11.65 21.81
CA LYS A 510 5.39 12.39 21.17
C LYS A 510 6.48 12.71 22.17
N GLY A 511 6.06 13.08 23.38
CA GLY A 511 6.95 13.40 24.48
C GLY A 511 7.88 12.29 24.86
N LEU A 512 7.45 11.04 24.67
CA LEU A 512 8.09 9.89 25.29
C LEU A 512 9.31 9.47 24.50
N PHE A 513 9.37 9.92 23.25
CA PHE A 513 10.47 9.61 22.33
C PHE A 513 11.62 10.65 22.23
N LYS A 514 11.54 11.79 22.95
CA LYS A 514 12.70 12.72 22.94
C LYS A 514 13.93 11.92 23.31
N TYR A 515 15.10 12.24 22.73
CA TYR A 515 16.35 11.51 23.04
C TYR A 515 16.69 11.55 24.54
N ASP A 516 16.50 12.71 25.17
CA ASP A 516 16.84 12.85 26.58
C ASP A 516 15.80 12.17 27.51
N LYS A 517 14.61 11.91 26.97
CA LYS A 517 13.57 11.16 27.66
C LYS A 517 13.63 9.63 27.41
N PHE A 518 13.84 9.21 26.17
CA PHE A 518 13.93 7.77 25.83
C PHE A 518 15.39 7.31 25.77
N LYS A 519 15.92 6.93 26.92
CA LYS A 519 17.37 6.82 27.09
C LYS A 519 17.87 5.64 26.30
N GLY A 520 19.06 5.80 25.74
CA GLY A 520 19.67 4.76 24.93
C GLY A 520 19.32 4.87 23.44
N THR A 521 18.38 5.74 23.09
CA THR A 521 18.17 6.17 21.72
C THR A 521 18.96 7.42 21.34
N MET A 522 19.22 7.55 20.05
CA MET A 522 19.97 8.67 19.51
C MET A 522 19.49 8.90 18.05
N GLU A 523 20.25 9.65 17.26
CA GLU A 523 19.75 10.25 16.05
C GLU A 523 19.52 9.19 14.94
N ASN A 524 20.22 8.07 15.04
CA ASN A 524 20.07 6.98 14.10
C ASN A 524 19.13 5.84 14.58
N THR A 525 18.28 6.14 15.55
CA THR A 525 17.36 5.15 16.08
C THR A 525 16.02 5.44 15.50
N PHE A 526 15.40 4.42 14.89
CA PHE A 526 14.03 4.53 14.38
C PHE A 526 13.16 3.37 14.88
N ILE A 527 11.86 3.44 14.53
CA ILE A 527 10.82 2.72 15.26
C ILE A 527 10.00 1.79 14.32
N TRP A 528 9.60 0.66 14.90
CA TRP A 528 8.81 -0.38 14.30
C TRP A 528 7.59 -0.55 15.22
N ASN A 529 6.39 -0.36 14.69
CA ASN A 529 5.14 -0.69 15.38
C ASN A 529 4.54 -1.97 14.84
N ALA A 530 4.33 -2.94 15.72
CA ALA A 530 3.49 -4.11 15.47
C ALA A 530 2.36 -4.26 16.54
N MET A 531 1.57 -5.32 16.43
CA MET A 531 0.53 -5.65 17.40
C MET A 531 -0.52 -4.58 17.47
N ASN A 532 -0.58 -3.73 16.44
CA ASN A 532 -1.43 -2.55 16.47
C ASN A 532 -2.75 -2.72 15.75
N GLU A 533 -3.21 -3.95 15.62
CA GLU A 533 -4.51 -4.21 14.94
C GLU A 533 -5.76 -3.68 15.70
N PRO A 534 -5.78 -3.78 17.04
CA PRO A 534 -4.79 -4.22 18.00
C PRO A 534 -4.81 -5.73 18.25
N SER A 535 -3.65 -6.28 18.60
CA SER A 535 -3.54 -7.67 18.97
C SER A 535 -3.76 -7.81 20.47
N VAL A 536 -4.80 -8.56 20.84
CA VAL A 536 -5.05 -8.92 22.24
C VAL A 536 -5.19 -10.42 22.40
N PHE A 537 -4.26 -11.03 23.13
CA PHE A 537 -4.07 -12.48 23.12
C PHE A 537 -5.31 -13.21 23.64
N ASN A 538 -5.90 -12.68 24.70
CA ASN A 538 -7.09 -13.32 25.30
C ASN A 538 -8.39 -12.75 24.73
N GLY A 539 -8.34 -12.09 23.57
CA GLY A 539 -9.47 -11.29 23.09
C GLY A 539 -10.16 -12.03 21.95
N PRO A 540 -11.38 -11.61 21.58
CA PRO A 540 -12.05 -12.35 20.52
C PRO A 540 -11.36 -12.08 19.17
N GLU A 541 -10.98 -13.15 18.46
CA GLU A 541 -10.18 -13.07 17.22
C GLU A 541 -8.86 -12.34 17.46
N VAL A 542 -8.30 -12.55 18.65
CA VAL A 542 -7.06 -11.91 19.06
C VAL A 542 -7.10 -10.39 18.98
N THR A 543 -8.27 -9.78 19.09
CA THR A 543 -8.35 -8.33 19.14
C THR A 543 -9.34 -7.92 20.21
N MET A 544 -9.71 -6.63 20.25
CA MET A 544 -10.49 -6.08 21.33
C MET A 544 -11.94 -6.37 21.10
N PRO A 545 -12.73 -6.42 22.17
CA PRO A 545 -14.18 -6.46 21.98
C PRO A 545 -14.72 -5.26 21.24
N LYS A 546 -15.84 -5.49 20.56
CA LYS A 546 -16.42 -4.53 19.66
C LYS A 546 -17.04 -3.36 20.41
N ASP A 547 -17.41 -3.62 21.65
CA ASP A 547 -18.06 -2.64 22.45
C ASP A 547 -17.09 -1.90 23.36
N ASN A 548 -15.79 -2.12 23.22
CA ASN A 548 -14.85 -1.14 23.81
C ASN A 548 -15.13 0.26 23.28
N LEU A 549 -14.67 1.28 24.00
CA LEU A 549 -14.97 2.67 23.67
C LEU A 549 -13.72 3.49 23.52
N HIS A 550 -13.76 4.39 22.56
CA HIS A 550 -12.62 5.22 22.22
C HIS A 550 -13.01 6.67 22.49
N HIS A 551 -12.01 7.54 22.57
CA HIS A 551 -12.19 8.98 22.46
C HIS A 551 -13.26 9.36 21.46
N GLY A 552 -14.13 10.28 21.88
CA GLY A 552 -15.39 10.56 21.17
C GLY A 552 -16.57 9.68 21.54
N ASN A 553 -16.36 8.71 22.44
CA ASN A 553 -17.33 7.61 22.72
C ASN A 553 -17.83 6.83 21.49
N TRP A 554 -16.96 6.64 20.51
CA TRP A 554 -17.23 5.71 19.43
C TRP A 554 -16.95 4.29 19.88
N GLU A 555 -17.75 3.36 19.40
CA GLU A 555 -17.46 1.96 19.73
C GLU A 555 -16.24 1.49 18.95
N HIS A 556 -15.53 0.53 19.49
CA HIS A 556 -14.46 -0.11 18.72
C HIS A 556 -14.92 -0.62 17.34
N ARG A 557 -16.16 -1.09 17.24
CA ARG A 557 -16.68 -1.59 15.99
C ARG A 557 -16.69 -0.51 14.93
N ASP A 558 -16.88 0.74 15.35
CA ASP A 558 -16.91 1.87 14.44
C ASP A 558 -15.58 2.09 13.74
N VAL A 559 -14.48 1.88 14.47
CA VAL A 559 -13.18 2.46 14.13
C VAL A 559 -12.06 1.43 14.01
N HIS A 560 -12.40 0.15 14.06
CA HIS A 560 -11.42 -0.92 14.24
C HIS A 560 -10.32 -0.83 13.17
N ASN A 561 -10.69 -0.66 11.91
CA ASN A 561 -9.70 -0.72 10.85
C ASN A 561 -8.80 0.52 10.78
N LEU A 562 -9.18 1.59 11.49
CA LEU A 562 -8.32 2.75 11.69
C LEU A 562 -7.33 2.62 12.82
N ASN A 563 -7.53 1.68 13.75
CA ASN A 563 -6.71 1.69 14.97
C ASN A 563 -5.19 1.68 14.69
N GLY A 564 -4.75 0.71 13.90
CA GLY A 564 -3.36 0.58 13.49
C GLY A 564 -2.79 1.88 12.99
N MET A 565 -3.51 2.51 12.08
CA MET A 565 -3.03 3.75 11.50
C MET A 565 -3.00 4.89 12.52
N THR A 566 -3.98 4.99 13.43
CA THR A 566 -3.89 5.98 14.51
C THR A 566 -2.58 5.82 15.25
N PHE A 567 -2.15 4.59 15.49
CA PHE A 567 -0.97 4.35 16.29
C PHE A 567 0.29 4.67 15.49
N GLN A 568 0.33 4.28 14.23
CA GLN A 568 1.47 4.62 13.37
C GLN A 568 1.66 6.14 13.21
N ASN A 569 0.57 6.86 13.01
CA ASN A 569 0.53 8.32 13.03
C ASN A 569 1.15 8.94 14.28
N ALA A 570 0.77 8.41 15.43
CA ALA A 570 1.28 8.92 16.67
C ALA A 570 2.79 8.78 16.70
N THR A 571 3.27 7.60 16.34
CA THR A 571 4.70 7.35 16.29
C THR A 571 5.42 8.16 15.22
N TYR A 572 4.79 8.30 14.05
CA TYR A 572 5.36 9.15 12.98
C TYR A 572 5.66 10.56 13.50
N HIS A 573 4.67 11.20 14.10
CA HIS A 573 4.83 12.57 14.55
C HIS A 573 5.81 12.71 15.71
N ALA A 574 5.98 11.64 16.49
CA ALA A 574 7.00 11.63 17.53
C ALA A 574 8.43 11.70 16.99
N LEU A 575 8.65 11.30 15.75
CA LEU A 575 10.00 11.19 15.21
C LEU A 575 10.40 12.41 14.38
N LEU A 576 9.42 13.27 14.08
CA LEU A 576 9.66 14.52 13.38
C LEU A 576 10.76 15.33 14.04
N SER A 577 10.74 15.37 15.37
CA SER A 577 11.61 16.23 16.18
C SER A 577 11.74 15.65 17.59
N ARG A 578 12.96 15.27 17.96
CA ARG A 578 13.21 14.54 19.20
C ARG A 578 14.26 15.27 20.09
N LYS A 579 14.50 16.51 19.72
CA LYS A 579 15.42 17.40 20.40
C LYS A 579 15.24 18.73 19.69
N PRO A 580 15.61 19.83 20.37
CA PRO A 580 15.22 21.12 19.82
C PRO A 580 16.03 21.41 18.54
N GLY A 581 15.38 22.04 17.57
CA GLY A 581 15.98 22.33 16.27
C GLY A 581 15.96 21.17 15.29
N GLU A 582 15.68 19.94 15.74
CA GLU A 582 15.55 18.80 14.83
C GLU A 582 14.22 18.83 14.11
N HIS A 583 14.27 18.60 12.79
CA HIS A 583 13.04 18.46 12.01
C HIS A 583 13.37 17.60 10.78
N ARG A 584 12.83 16.40 10.78
CA ARG A 584 13.33 15.38 9.87
C ARG A 584 12.31 14.27 9.62
N ARG A 585 12.59 13.47 8.61
CA ARG A 585 11.64 12.46 8.15
C ARG A 585 11.61 11.30 9.14
N PRO A 586 10.43 10.94 9.61
CA PRO A 586 10.31 9.69 10.31
C PRO A 586 10.60 8.48 9.41
N PHE A 587 11.01 7.39 10.04
CA PHE A 587 10.81 6.09 9.47
C PHE A 587 10.12 5.21 10.49
N VAL A 588 8.94 4.70 10.13
CA VAL A 588 8.14 3.80 10.97
C VAL A 588 7.58 2.65 10.12
N LEU A 589 7.84 1.43 10.55
CA LEU A 589 7.21 0.27 9.99
C LEU A 589 5.97 -0.09 10.81
N THR A 590 4.88 -0.39 10.11
CA THR A 590 3.62 -0.77 10.76
C THR A 590 3.17 -2.13 10.30
N ARG A 591 2.45 -2.81 11.17
CA ARG A 591 1.82 -4.05 10.76
C ARG A 591 0.42 -3.83 10.24
N ALA A 592 -0.37 -3.13 11.03
CA ALA A 592 -1.78 -2.88 10.69
C ALA A 592 -1.84 -1.51 10.05
N PHE A 593 -2.79 -1.31 9.14
CA PHE A 593 -2.84 -0.07 8.38
C PHE A 593 -4.20 0.08 7.77
N PHE A 594 -4.42 1.26 7.20
CA PHE A 594 -5.69 1.59 6.53
C PHE A 594 -5.40 2.47 5.35
N ALA A 595 -6.41 2.79 4.56
CA ALA A 595 -6.27 3.88 3.59
C ALA A 595 -5.61 5.10 4.24
N GLY A 596 -4.51 5.56 3.68
CA GLY A 596 -3.82 6.75 4.17
C GLY A 596 -2.54 6.43 4.89
N SER A 597 -2.31 5.16 5.16
CA SER A 597 -1.15 4.79 5.96
C SER A 597 0.15 5.07 5.20
N GLN A 598 0.05 5.19 3.87
CA GLN A 598 1.16 5.59 3.01
C GLN A 598 1.77 6.93 3.39
N ARG A 599 1.02 7.80 4.06
CA ARG A 599 1.58 9.06 4.57
C ARG A 599 2.54 8.90 5.72
N LEU A 600 2.61 7.70 6.30
CA LEU A 600 3.17 7.50 7.62
C LEU A 600 4.35 6.56 7.68
N GLY A 601 4.61 5.80 6.61
CA GLY A 601 5.75 4.88 6.59
C GLY A 601 5.53 3.64 5.74
N ALA A 602 6.16 2.55 6.17
CA ALA A 602 6.17 1.29 5.45
C ALA A 602 5.24 0.30 6.12
N MET A 603 4.95 -0.79 5.40
CA MET A 603 4.36 -1.97 5.98
C MET A 603 5.07 -3.24 5.51
N TRP A 604 4.73 -4.35 6.17
CA TRP A 604 5.11 -5.64 5.71
C TRP A 604 3.94 -6.58 5.93
N THR A 605 4.00 -7.74 5.26
CA THR A 605 2.86 -8.62 5.17
C THR A 605 2.76 -9.56 6.36
N GLY A 606 3.46 -9.26 7.43
CA GLY A 606 3.20 -9.95 8.71
C GLY A 606 3.88 -11.27 8.74
N ASP A 607 3.27 -12.21 9.45
CA ASP A 607 3.95 -13.45 9.75
C ASP A 607 3.78 -14.47 8.64
N ASN A 608 4.54 -14.32 7.57
CA ASN A 608 4.57 -15.34 6.54
C ASN A 608 5.40 -16.55 6.99
N THR A 609 5.53 -17.55 6.11
CA THR A 609 6.08 -18.85 6.46
C THR A 609 7.21 -19.17 5.47
N ALA A 610 8.21 -19.89 5.96
CA ALA A 610 9.42 -20.15 5.19
C ALA A 610 9.18 -21.31 4.26
N ASP A 611 8.49 -21.04 3.17
CA ASP A 611 8.12 -22.07 2.23
C ASP A 611 7.88 -21.41 0.89
N TRP A 612 8.02 -22.20 -0.18
CA TRP A 612 8.05 -21.70 -1.54
C TRP A 612 6.77 -20.97 -1.92
N GLY A 613 5.64 -21.52 -1.47
CA GLY A 613 4.35 -20.97 -1.75
C GLY A 613 4.24 -19.54 -1.23
N TYR A 614 4.78 -19.30 -0.04
CA TYR A 614 4.79 -17.97 0.53
C TYR A 614 5.71 -17.01 -0.23
N LEU A 615 6.84 -17.51 -0.73
CA LEU A 615 7.69 -16.66 -1.55
C LEU A 615 6.94 -16.20 -2.78
N LYS A 616 6.29 -17.16 -3.45
CA LYS A 616 5.55 -16.84 -4.67
C LYS A 616 4.43 -15.85 -4.38
N ALA A 617 3.78 -16.02 -3.24
CA ALA A 617 2.57 -15.24 -2.93
C ALA A 617 2.96 -13.81 -2.58
N SER A 618 4.23 -13.60 -2.25
CA SER A 618 4.66 -12.33 -1.73
C SER A 618 4.51 -11.29 -2.81
N ILE A 619 4.66 -11.70 -4.05
CA ILE A 619 4.74 -10.74 -5.13
C ILE A 619 3.35 -10.18 -5.48
N PRO A 620 2.34 -11.04 -5.66
CA PRO A 620 1.04 -10.41 -5.84
C PRO A 620 0.61 -9.54 -4.65
N MET A 621 0.99 -9.92 -3.43
CA MET A 621 0.59 -9.13 -2.25
C MET A 621 1.26 -7.76 -2.29
N VAL A 622 2.59 -7.72 -2.49
CA VAL A 622 3.28 -6.46 -2.58
C VAL A 622 2.76 -5.60 -3.77
N LEU A 623 2.39 -6.23 -4.87
CA LEU A 623 1.84 -5.45 -5.98
C LEU A 623 0.49 -4.86 -5.59
N SER A 624 -0.33 -5.64 -4.90
CA SER A 624 -1.66 -5.18 -4.57
C SER A 624 -1.53 -3.96 -3.67
N GLN A 625 -0.50 -3.94 -2.82
CA GLN A 625 -0.29 -2.82 -1.92
C GLN A 625 -0.11 -1.52 -2.68
N GLY A 626 0.79 -1.50 -3.65
CA GLY A 626 1.08 -0.27 -4.38
C GLY A 626 -0.06 0.18 -5.31
N ILE A 627 -0.76 -0.75 -5.94
CA ILE A 627 -1.92 -0.32 -6.71
C ILE A 627 -3.08 0.12 -5.81
N ALA A 628 -3.04 -0.18 -4.52
CA ALA A 628 -3.94 0.45 -3.55
C ALA A 628 -3.40 1.66 -2.85
N GLY A 629 -2.35 2.26 -3.40
CA GLY A 629 -1.89 3.54 -2.93
C GLY A 629 -0.96 3.45 -1.76
N PHE A 630 -0.52 2.24 -1.41
CA PHE A 630 0.40 2.05 -0.28
C PHE A 630 1.52 1.13 -0.71
N PRO A 631 2.43 1.65 -1.55
CA PRO A 631 3.46 0.84 -2.19
C PRO A 631 4.66 0.50 -1.32
N PHE A 632 4.88 1.23 -0.24
CA PHE A 632 6.06 1.00 0.58
C PHE A 632 5.87 -0.28 1.39
N ALA A 633 6.16 -1.41 0.77
CA ALA A 633 5.64 -2.69 1.23
C ALA A 633 6.66 -3.79 1.01
N GLY A 634 6.53 -4.85 1.79
CA GLY A 634 7.42 -5.99 1.68
C GLY A 634 6.90 -7.17 2.46
N ALA A 635 7.66 -8.24 2.44
CA ALA A 635 7.39 -9.45 3.20
C ALA A 635 8.70 -9.88 3.79
N ASP A 636 8.65 -10.62 4.90
CA ASP A 636 9.88 -11.04 5.58
C ASP A 636 10.69 -11.97 4.67
N VAL A 637 11.92 -11.54 4.35
CA VAL A 637 12.78 -12.33 3.50
C VAL A 637 13.30 -13.57 4.25
N GLY A 638 13.12 -14.73 3.62
CA GLY A 638 13.32 -16.03 4.24
C GLY A 638 12.03 -16.67 4.72
N GLY A 639 11.00 -15.83 4.89
CA GLY A 639 9.78 -16.19 5.60
C GLY A 639 9.98 -16.24 7.10
N PHE A 640 8.94 -15.88 7.86
CA PHE A 640 9.08 -15.60 9.27
C PHE A 640 9.10 -16.90 10.05
N PHE A 641 8.06 -17.73 9.91
CA PHE A 641 7.99 -19.03 10.58
C PHE A 641 8.83 -20.07 9.90
N GLY A 642 9.70 -20.73 10.68
CA GLY A 642 10.35 -21.96 10.27
C GLY A 642 11.74 -21.67 9.71
N ASN A 643 12.31 -22.69 9.08
CA ASN A 643 13.69 -22.66 8.57
C ASN A 643 13.73 -22.93 7.08
N PRO A 644 14.07 -21.90 6.29
CA PRO A 644 14.01 -22.08 4.87
C PRO A 644 15.24 -22.86 4.44
N ASP A 645 15.08 -23.80 3.50
CA ASP A 645 16.25 -24.35 2.80
C ASP A 645 17.12 -23.27 2.15
N LYS A 646 18.32 -23.65 1.77
CA LYS A 646 19.33 -22.69 1.44
C LYS A 646 19.01 -22.13 0.08
N ASP A 647 18.46 -22.95 -0.81
CA ASP A 647 18.04 -22.45 -2.12
C ASP A 647 16.82 -21.50 -2.04
N LEU A 648 15.88 -21.80 -1.17
CA LEU A 648 14.71 -20.95 -0.95
C LEU A 648 15.16 -19.61 -0.43
N LEU A 649 16.05 -19.61 0.55
CA LEU A 649 16.50 -18.37 1.16
C LEU A 649 17.19 -17.52 0.12
N THR A 650 17.99 -18.18 -0.72
CA THR A 650 18.71 -17.52 -1.80
C THR A 650 17.75 -16.91 -2.84
N ARG A 651 16.82 -17.71 -3.34
CA ARG A 651 15.72 -17.17 -4.14
C ARG A 651 15.02 -16.01 -3.44
N TRP A 652 14.81 -16.11 -2.12
CA TRP A 652 14.07 -15.09 -1.39
C TRP A 652 14.83 -13.76 -1.40
N TYR A 653 16.16 -13.82 -1.29
CA TYR A 653 16.95 -12.60 -1.49
C TYR A 653 16.74 -12.03 -2.88
N GLN A 654 16.70 -12.89 -3.90
CA GLN A 654 16.53 -12.42 -5.29
C GLN A 654 15.16 -11.79 -5.59
N THR A 655 14.14 -12.24 -4.91
CA THR A 655 12.85 -11.57 -4.94
C THR A 655 12.88 -10.35 -4.06
N GLY A 656 13.38 -10.51 -2.84
CA GLY A 656 13.33 -9.44 -1.83
C GLY A 656 13.96 -8.12 -2.22
N ILE A 657 15.00 -8.17 -3.04
CA ILE A 657 15.63 -6.94 -3.60
C ILE A 657 14.69 -6.12 -4.49
N PHE A 658 13.52 -6.67 -4.82
CA PHE A 658 12.50 -5.93 -5.54
C PHE A 658 11.27 -5.56 -4.69
N TYR A 659 11.27 -5.87 -3.40
CA TYR A 659 10.30 -5.25 -2.48
C TYR A 659 10.69 -3.81 -2.23
N PRO A 660 9.75 -2.88 -2.28
CA PRO A 660 10.13 -1.54 -1.87
C PRO A 660 10.61 -1.46 -0.44
N PHE A 661 10.00 -2.25 0.45
CA PHE A 661 10.59 -2.49 1.78
C PHE A 661 11.20 -3.88 1.92
N PHE A 662 12.51 -3.90 2.16
CA PHE A 662 13.33 -5.07 1.98
C PHE A 662 14.05 -5.41 3.31
N ARG A 663 13.51 -6.39 4.02
CA ARG A 663 13.96 -6.78 5.34
C ARG A 663 13.93 -8.29 5.47
N ALA A 664 15.02 -8.84 6.00
CA ALA A 664 15.06 -10.21 6.46
C ALA A 664 14.60 -10.30 7.91
N HIS A 665 13.80 -11.30 8.26
CA HIS A 665 13.23 -11.39 9.62
C HIS A 665 12.89 -12.85 9.90
N ALA A 666 12.85 -13.23 11.17
CA ALA A 666 12.79 -14.63 11.55
C ALA A 666 12.19 -14.81 12.93
N HIS A 667 11.43 -15.88 13.08
CA HIS A 667 10.70 -16.18 14.31
C HIS A 667 11.68 -16.72 15.39
N ILE A 668 11.25 -16.65 16.65
CA ILE A 668 12.13 -16.99 17.77
C ILE A 668 12.63 -18.42 17.78
N ASP A 669 11.80 -19.35 17.30
CA ASP A 669 12.20 -20.74 17.13
C ASP A 669 12.99 -21.03 15.86
N ALA A 670 13.25 -20.03 15.03
CA ALA A 670 14.02 -20.27 13.80
C ALA A 670 15.47 -20.17 14.11
N ARG A 671 16.25 -21.06 13.48
CA ARG A 671 17.70 -20.95 13.45
C ARG A 671 18.15 -19.59 12.99
N ARG A 672 19.30 -19.18 13.51
CA ARG A 672 20.00 -18.03 13.00
C ARG A 672 20.23 -18.20 11.50
N ARG A 673 19.88 -17.16 10.75
CA ARG A 673 20.14 -17.18 9.31
C ARG A 673 20.45 -15.80 8.78
N GLU A 674 21.16 -14.98 9.57
CA GLU A 674 21.96 -13.91 9.01
C GLU A 674 22.65 -14.48 7.76
N PRO A 675 22.66 -13.70 6.66
CA PRO A 675 22.92 -14.26 5.33
C PRO A 675 24.31 -14.89 5.19
N TYR A 676 25.32 -14.36 5.87
CA TYR A 676 26.67 -14.96 5.90
C TYR A 676 26.73 -16.40 6.44
N LEU A 677 25.70 -16.85 7.15
CA LEU A 677 25.65 -18.22 7.67
C LEU A 677 25.18 -19.27 6.67
N THR A 678 24.83 -18.84 5.46
CA THR A 678 24.19 -19.77 4.52
C THR A 678 25.21 -20.78 3.99
N GLY A 679 26.43 -20.33 3.75
CA GLY A 679 27.41 -21.17 3.06
C GLY A 679 27.51 -20.86 1.57
N GLU A 680 28.68 -21.18 1.01
CA GLU A 680 28.84 -21.21 -0.44
C GLU A 680 28.11 -22.40 -1.04
N PRO A 681 27.65 -22.28 -2.29
CA PRO A 681 27.77 -21.08 -3.15
C PRO A 681 26.75 -19.95 -2.83
N TYR A 682 25.90 -20.16 -1.85
CA TYR A 682 24.74 -19.30 -1.62
C TYR A 682 25.14 -17.92 -1.11
N ASN A 683 26.18 -17.86 -0.28
CA ASN A 683 26.72 -16.58 0.17
C ASN A 683 27.02 -15.65 -0.99
N THR A 684 27.63 -16.20 -2.03
CA THR A 684 28.15 -15.41 -3.12
C THR A 684 26.94 -14.89 -3.92
N ILE A 685 25.93 -15.74 -4.06
CA ILE A 685 24.75 -15.41 -4.84
C ILE A 685 23.91 -14.34 -4.14
N ILE A 686 23.76 -14.50 -2.82
CA ILE A 686 23.04 -13.54 -2.01
C ILE A 686 23.74 -12.20 -1.92
N ALA A 687 25.05 -12.23 -1.78
CA ALA A 687 25.86 -11.01 -1.85
C ALA A 687 25.67 -10.28 -3.16
N ALA A 688 25.53 -11.03 -4.25
CA ALA A 688 25.29 -10.40 -5.54
C ALA A 688 23.87 -9.77 -5.62
N ALA A 689 22.85 -10.42 -5.06
CA ALA A 689 21.54 -9.81 -4.99
C ALA A 689 21.60 -8.49 -4.24
N LEU A 690 22.19 -8.50 -3.06
CA LEU A 690 22.36 -7.26 -2.28
C LEU A 690 23.05 -6.19 -3.08
N ARG A 691 24.15 -6.53 -3.76
CA ARG A 691 24.86 -5.51 -4.50
C ARG A 691 24.01 -4.91 -5.65
N LEU A 692 23.10 -5.70 -6.21
CA LEU A 692 22.22 -5.22 -7.27
C LEU A 692 21.22 -4.22 -6.70
N ARG A 693 20.59 -4.59 -5.59
CA ARG A 693 19.72 -3.65 -4.88
C ARG A 693 20.44 -2.34 -4.64
N TYR A 694 21.66 -2.40 -4.14
CA TYR A 694 22.37 -1.17 -3.77
C TYR A 694 22.75 -0.40 -4.98
N SER A 695 23.12 -1.11 -6.04
CA SER A 695 23.54 -0.41 -7.24
C SER A 695 22.36 0.35 -7.84
N LEU A 696 21.14 -0.16 -7.69
CA LEU A 696 19.97 0.46 -8.28
C LEU A 696 19.33 1.47 -7.35
N LEU A 697 19.86 1.60 -6.15
CA LEU A 697 19.30 2.52 -5.16
C LEU A 697 18.91 3.90 -5.71
N PRO A 698 19.75 4.52 -6.55
CA PRO A 698 19.33 5.81 -7.17
C PRO A 698 18.03 5.80 -7.99
N SER A 699 17.80 4.70 -8.70
CA SER A 699 16.52 4.46 -9.38
C SER A 699 15.35 4.08 -8.45
N TRP A 700 15.60 3.24 -7.43
CA TRP A 700 14.57 2.99 -6.39
C TRP A 700 14.16 4.32 -5.76
N TYR A 701 15.13 5.11 -5.34
CA TYR A 701 14.81 6.37 -4.68
C TYR A 701 13.97 7.28 -5.57
N THR A 702 14.32 7.31 -6.85
CA THR A 702 13.54 8.08 -7.83
C THR A 702 12.08 7.56 -7.90
N ALA A 703 11.91 6.27 -7.76
CA ALA A 703 10.57 5.67 -7.84
C ALA A 703 9.71 6.01 -6.62
N PHE A 704 10.35 6.08 -5.46
CA PHE A 704 9.71 6.60 -4.29
C PHE A 704 9.36 8.05 -4.51
N ARG A 705 10.24 8.81 -5.15
CA ARG A 705 9.91 10.21 -5.43
C ARG A 705 8.60 10.35 -6.17
N HIS A 706 8.44 9.55 -7.24
CA HIS A 706 7.21 9.59 -8.04
C HIS A 706 6.01 9.17 -7.23
N ALA A 707 6.21 8.21 -6.35
CA ALA A 707 5.16 7.79 -5.49
C ALA A 707 4.77 8.97 -4.59
N HIS A 708 5.74 9.75 -4.14
CA HIS A 708 5.45 10.95 -3.39
C HIS A 708 4.71 12.00 -4.19
N LEU A 709 5.13 12.22 -5.42
CA LEU A 709 4.56 13.28 -6.26
C LEU A 709 3.09 13.07 -6.67
N ASP A 710 2.72 11.86 -7.08
CA ASP A 710 1.35 11.60 -7.59
C ASP A 710 0.83 10.18 -7.36
N GLY A 711 1.39 9.48 -6.38
CA GLY A 711 0.95 8.14 -6.05
C GLY A 711 1.22 7.08 -7.11
N THR A 712 2.27 7.26 -7.89
CA THR A 712 2.66 6.26 -8.85
C THR A 712 3.22 5.09 -8.06
N PRO A 713 2.77 3.88 -8.35
CA PRO A 713 3.34 2.74 -7.66
C PRO A 713 4.82 2.60 -7.92
N ILE A 714 5.51 1.96 -6.99
CA ILE A 714 6.94 1.84 -7.02
C ILE A 714 7.38 0.65 -7.88
N ILE A 715 6.78 -0.51 -7.66
CA ILE A 715 6.75 -1.55 -8.68
C ILE A 715 5.34 -1.70 -9.28
N LYS A 716 5.28 -2.01 -10.57
CA LYS A 716 4.08 -1.78 -11.36
C LYS A 716 3.68 -3.06 -12.10
N PRO A 717 2.45 -3.51 -11.88
CA PRO A 717 1.94 -4.66 -12.61
C PRO A 717 1.63 -4.36 -14.07
N MET A 718 1.46 -5.40 -14.87
CA MET A 718 1.30 -5.21 -16.31
C MET A 718 0.03 -4.42 -16.64
N PHE A 719 -1.01 -4.59 -15.84
CA PHE A 719 -2.24 -3.88 -16.11
C PHE A 719 -2.06 -2.39 -16.02
N TYR A 720 -1.07 -1.94 -15.23
CA TYR A 720 -0.79 -0.55 -15.05
C TYR A 720 0.05 0.00 -16.17
N THR A 721 1.10 -0.72 -16.56
CA THR A 721 2.06 -0.21 -17.54
C THR A 721 1.54 -0.43 -18.96
N HIS A 722 0.63 -1.38 -19.13
CA HIS A 722 0.17 -1.76 -20.46
C HIS A 722 -1.35 -1.94 -20.42
N PRO A 723 -2.08 -0.85 -20.19
CA PRO A 723 -3.53 -0.92 -20.19
C PRO A 723 -4.15 -1.36 -21.53
N SER A 724 -3.40 -1.25 -22.64
CA SER A 724 -3.93 -1.71 -23.93
C SER A 724 -3.75 -3.22 -24.16
N GLU A 725 -3.19 -3.97 -23.22
CA GLU A 725 -2.82 -5.36 -23.52
C GLU A 725 -3.62 -6.30 -22.61
N GLU A 726 -4.74 -6.76 -23.15
CA GLU A 726 -5.72 -7.58 -22.43
C GLU A 726 -5.08 -8.78 -21.72
N ALA A 727 -4.10 -9.40 -22.37
CA ALA A 727 -3.39 -10.57 -21.83
C ALA A 727 -2.61 -10.25 -20.54
N GLY A 728 -2.29 -8.98 -20.32
CA GLY A 728 -1.69 -8.51 -19.06
C GLY A 728 -2.51 -8.55 -17.77
N LEU A 729 -3.84 -8.60 -17.91
CA LEU A 729 -4.70 -8.34 -16.77
C LEU A 729 -4.46 -9.30 -15.62
N PRO A 730 -4.39 -10.61 -15.89
CA PRO A 730 -4.22 -11.49 -14.75
C PRO A 730 -2.77 -11.66 -14.31
N ILE A 731 -1.82 -10.99 -14.93
CA ILE A 731 -0.45 -11.32 -14.62
C ILE A 731 0.00 -10.61 -13.34
N ASP A 732 0.57 -11.38 -12.40
CA ASP A 732 0.99 -10.84 -11.11
C ASP A 732 2.31 -11.42 -10.60
N ASP A 733 3.17 -11.93 -11.50
CA ASP A 733 4.48 -12.47 -11.10
C ASP A 733 5.63 -11.79 -11.81
N GLN A 734 5.34 -10.69 -12.48
CA GLN A 734 6.40 -9.86 -13.00
C GLN A 734 5.95 -8.43 -12.92
N PHE A 735 6.87 -7.50 -13.04
CA PHE A 735 6.60 -6.10 -12.80
C PHE A 735 7.70 -5.19 -13.29
N PHE A 736 7.36 -3.93 -13.52
CA PHE A 736 8.36 -2.97 -13.84
C PHE A 736 8.79 -2.18 -12.63
N ILE A 737 10.04 -1.72 -12.66
CA ILE A 737 10.55 -1.00 -11.54
C ILE A 737 10.51 0.47 -11.87
N GLY A 738 9.65 1.17 -11.15
CA GLY A 738 9.61 2.60 -11.17
C GLY A 738 9.48 3.10 -12.59
N ASN A 739 10.39 3.99 -12.95
CA ASN A 739 10.44 4.59 -14.27
C ASN A 739 11.50 3.98 -15.22
N THR A 740 12.08 2.86 -14.84
CA THR A 740 13.35 2.45 -15.40
C THR A 740 13.16 1.66 -16.67
N GLY A 741 11.95 1.17 -16.90
CA GLY A 741 11.71 0.12 -17.86
C GLY A 741 12.27 -1.25 -17.49
N LEU A 742 12.75 -1.43 -16.27
CA LEU A 742 13.26 -2.75 -15.90
C LEU A 742 12.14 -3.69 -15.57
N LEU A 743 12.13 -4.84 -16.21
CA LEU A 743 11.06 -5.78 -16.05
C LEU A 743 11.68 -6.98 -15.36
N ALA A 744 11.24 -7.25 -14.13
CA ALA A 744 11.72 -8.38 -13.33
C ALA A 744 10.71 -9.52 -13.30
N LYS A 745 11.21 -10.74 -13.29
CA LYS A 745 10.40 -11.89 -12.94
C LYS A 745 11.23 -12.88 -12.13
N PRO A 746 11.22 -12.75 -10.81
CA PRO A 746 12.03 -13.60 -9.98
C PRO A 746 11.52 -15.03 -10.02
N VAL A 747 12.45 -15.95 -9.79
CA VAL A 747 12.12 -17.35 -9.72
C VAL A 747 11.66 -17.61 -8.32
N THR A 748 10.50 -18.25 -8.23
CA THR A 748 9.84 -18.54 -6.96
C THR A 748 9.34 -20.00 -6.89
N ASP A 749 9.86 -20.89 -7.75
CA ASP A 749 9.57 -22.35 -7.66
C ASP A 749 10.82 -23.13 -7.38
N LYS A 750 10.65 -24.13 -6.51
CA LYS A 750 11.72 -25.04 -6.11
C LYS A 750 12.31 -25.75 -7.33
N ASP A 751 13.63 -25.71 -7.43
CA ASP A 751 14.39 -26.43 -8.48
C ASP A 751 14.09 -25.94 -9.90
N ARG A 752 13.50 -24.76 -10.05
CA ARG A 752 13.34 -24.15 -11.38
C ARG A 752 14.69 -23.65 -11.85
N THR A 753 15.05 -23.97 -13.08
CA THR A 753 16.28 -23.41 -13.69
C THR A 753 15.99 -22.62 -14.98
N SER A 754 14.73 -22.30 -15.24
CA SER A 754 14.42 -21.33 -16.24
C SER A 754 13.09 -20.68 -15.98
N VAL A 755 12.81 -19.62 -16.72
CA VAL A 755 11.65 -18.81 -16.40
C VAL A 755 11.03 -18.33 -17.70
N ASP A 756 9.70 -18.30 -17.77
CA ASP A 756 9.02 -17.79 -18.92
C ASP A 756 8.55 -16.40 -18.57
N ILE A 757 8.98 -15.40 -19.35
CA ILE A 757 8.58 -14.03 -19.11
C ILE A 757 7.59 -13.63 -20.21
N TRP A 758 6.45 -13.11 -19.80
CA TRP A 758 5.56 -12.45 -20.73
C TRP A 758 6.11 -11.12 -21.20
N ILE A 759 6.29 -11.00 -22.51
CA ILE A 759 6.75 -9.77 -23.12
C ILE A 759 5.54 -8.92 -23.56
N PRO A 760 5.37 -7.73 -22.97
CA PRO A 760 4.08 -7.05 -23.05
C PRO A 760 3.76 -6.43 -24.39
N ASP A 761 4.76 -6.15 -25.21
CA ASP A 761 4.55 -5.31 -26.37
C ASP A 761 5.65 -5.59 -27.37
N SER A 762 5.78 -4.74 -28.37
CA SER A 762 6.65 -5.04 -29.51
C SER A 762 8.01 -4.36 -29.39
N GLU A 763 8.27 -3.72 -28.25
CA GLU A 763 9.54 -3.04 -28.03
C GLU A 763 10.65 -4.07 -27.85
N VAL A 764 11.90 -3.65 -27.96
CA VAL A 764 13.03 -4.55 -27.76
C VAL A 764 13.34 -4.65 -26.27
N TYR A 765 13.60 -5.87 -25.81
CA TYR A 765 13.88 -6.18 -24.41
C TYR A 765 15.23 -6.87 -24.32
N TYR A 766 16.09 -6.35 -23.43
CA TYR A 766 17.46 -6.85 -23.27
C TYR A 766 17.77 -7.48 -21.90
N ASP A 767 18.55 -8.55 -21.85
CA ASP A 767 18.96 -9.08 -20.57
C ASP A 767 19.85 -8.06 -19.86
N TYR A 768 19.56 -7.78 -18.59
CA TYR A 768 20.23 -6.68 -17.88
C TYR A 768 21.72 -6.98 -17.72
N PHE A 769 22.06 -8.26 -17.77
CA PHE A 769 23.39 -8.67 -17.41
C PHE A 769 24.28 -8.90 -18.60
N THR A 770 23.74 -9.52 -19.65
CA THR A 770 24.51 -9.91 -20.84
C THR A 770 24.19 -9.05 -22.05
N TYR A 771 23.09 -8.30 -22.00
CA TYR A 771 22.54 -7.55 -23.11
C TYR A 771 22.02 -8.40 -24.26
N ASP A 772 21.87 -9.70 -24.04
CA ASP A 772 21.15 -10.55 -24.97
C ASP A 772 19.76 -9.99 -25.33
N ILE A 773 19.45 -10.01 -26.62
CA ILE A 773 18.14 -9.62 -27.11
C ILE A 773 17.15 -10.76 -26.88
N ILE A 774 16.14 -10.51 -26.04
CA ILE A 774 15.23 -11.53 -25.57
C ILE A 774 14.03 -11.60 -26.50
N SER A 775 13.47 -10.43 -26.73
CA SER A 775 12.46 -10.18 -27.76
C SER A 775 12.81 -8.81 -28.35
N ALA A 776 12.70 -8.72 -29.68
CA ALA A 776 12.18 -7.53 -30.36
C ALA A 776 10.84 -7.85 -31.08
N ALA A 777 10.11 -6.78 -31.41
CA ALA A 777 9.15 -6.74 -32.54
C ALA A 777 7.74 -7.31 -32.26
N LYS A 778 7.55 -8.09 -31.18
CA LYS A 778 6.29 -8.85 -30.96
C LYS A 778 6.08 -9.34 -29.50
N SER A 779 4.93 -8.97 -28.93
CA SER A 779 4.41 -9.58 -27.69
C SER A 779 4.18 -11.11 -27.75
N LYS A 780 4.53 -11.81 -26.66
CA LYS A 780 4.89 -13.25 -26.66
C LYS A 780 5.37 -13.71 -25.25
N THR A 781 5.49 -15.01 -25.05
CA THR A 781 6.16 -15.52 -23.86
C THR A 781 7.56 -16.02 -24.18
N ALA A 782 8.56 -15.45 -23.51
CA ALA A 782 9.96 -15.74 -23.79
C ALA A 782 10.54 -16.57 -22.67
N THR A 783 11.34 -17.55 -23.05
CA THR A 783 11.94 -18.47 -22.11
C THR A 783 13.35 -17.98 -21.85
N LEU A 784 13.72 -18.01 -20.57
CA LEU A 784 14.98 -17.45 -20.13
C LEU A 784 15.66 -18.39 -19.15
N ASP A 785 16.90 -18.77 -19.46
CA ASP A 785 17.79 -19.45 -18.52
C ASP A 785 17.80 -18.76 -17.14
N ALA A 786 17.57 -19.54 -16.08
CA ALA A 786 17.40 -19.00 -14.73
C ALA A 786 17.87 -19.99 -13.64
N PRO A 787 19.15 -20.38 -13.68
CA PRO A 787 19.72 -21.16 -12.58
C PRO A 787 19.81 -20.34 -11.29
N LEU A 788 20.16 -21.01 -10.20
CA LEU A 788 20.13 -20.41 -8.88
C LEU A 788 20.84 -19.05 -8.83
N GLU A 789 22.01 -18.98 -9.48
CA GLU A 789 22.80 -17.78 -9.52
C GLU A 789 22.24 -16.66 -10.43
N LYS A 790 21.11 -16.89 -11.07
CA LYS A 790 20.53 -15.88 -11.98
C LYS A 790 19.34 -15.10 -11.42
N ILE A 791 19.36 -13.79 -11.59
CA ILE A 791 18.20 -12.89 -11.38
C ILE A 791 17.58 -12.47 -12.72
N PRO A 792 16.35 -12.92 -13.00
CA PRO A 792 15.85 -12.67 -14.35
C PRO A 792 15.29 -11.28 -14.42
N LEU A 793 16.00 -10.41 -15.14
CA LEU A 793 15.74 -9.00 -15.14
C LEU A 793 16.01 -8.47 -16.55
N LEU A 794 15.05 -7.77 -17.14
CA LEU A 794 15.12 -7.32 -18.53
C LEU A 794 15.06 -5.80 -18.59
N MET A 795 15.69 -5.23 -19.60
CA MET A 795 15.66 -3.81 -19.83
C MET A 795 14.84 -3.51 -21.07
N ARG A 796 13.77 -2.73 -20.89
CA ARG A 796 12.93 -2.36 -22.01
C ARG A 796 13.55 -1.23 -22.80
N GLY A 797 13.52 -1.33 -24.12
CA GLY A 797 13.97 -0.23 -24.98
C GLY A 797 13.12 1.01 -24.78
N GLY A 798 13.71 2.19 -24.97
CA GLY A 798 12.98 3.45 -24.72
C GLY A 798 13.27 4.10 -23.39
N HIS A 799 14.16 3.51 -22.57
CA HIS A 799 14.34 4.02 -21.22
C HIS A 799 15.77 4.40 -20.89
N VAL A 800 15.91 5.37 -20.00
CA VAL A 800 17.16 5.69 -19.32
C VAL A 800 17.00 5.52 -17.82
N PHE A 801 17.96 4.85 -17.18
CA PHE A 801 18.01 4.83 -15.73
C PHE A 801 19.41 4.97 -15.15
N ALA A 802 19.46 5.48 -13.93
CA ALA A 802 20.71 5.75 -13.26
C ALA A 802 21.06 4.63 -12.24
N ARG A 803 22.34 4.31 -12.07
CA ARG A 803 22.77 3.44 -10.98
C ARG A 803 24.09 3.89 -10.40
N ARG A 804 24.47 3.31 -9.27
CA ARG A 804 25.80 3.54 -8.70
C ARG A 804 26.60 2.24 -8.64
N ASP A 805 27.66 2.17 -9.46
CA ASP A 805 28.43 0.92 -9.68
C ASP A 805 29.41 0.60 -8.55
N ILE A 806 29.87 1.63 -7.83
CA ILE A 806 30.84 1.42 -6.77
C ILE A 806 30.18 0.76 -5.55
N PRO A 807 30.61 -0.46 -5.19
CA PRO A 807 30.10 -1.11 -3.95
C PRO A 807 30.52 -0.41 -2.65
N ARG A 808 29.55 -0.19 -1.78
CA ARG A 808 29.81 0.35 -0.48
C ARG A 808 29.12 -0.54 0.53
N ARG A 809 29.37 -0.24 1.79
CA ARG A 809 28.93 -1.04 2.91
C ARG A 809 27.53 -0.61 3.37
N SER A 810 27.14 0.62 3.03
CA SER A 810 25.79 1.08 3.28
C SER A 810 25.45 2.14 2.25
N SER A 811 24.19 2.61 2.29
CA SER A 811 23.72 3.61 1.36
C SER A 811 24.32 4.97 1.70
N ALA A 812 24.39 5.28 2.98
CA ALA A 812 25.07 6.51 3.41
C ALA A 812 26.48 6.66 2.86
N LEU A 813 27.24 5.57 2.75
CA LEU A 813 28.62 5.66 2.20
C LEU A 813 28.68 5.77 0.65
N MET A 814 27.52 5.61 0.01
CA MET A 814 27.32 5.86 -1.41
C MET A 814 27.00 7.31 -1.73
N LYS A 815 26.66 8.11 -0.73
CA LYS A 815 26.04 9.43 -0.91
C LYS A 815 26.71 10.34 -1.96
N TRP A 816 28.04 10.28 -2.06
CA TRP A 816 28.80 11.18 -2.99
C TRP A 816 29.52 10.44 -4.12
N ASP A 817 29.18 9.17 -4.34
CA ASP A 817 29.72 8.42 -5.47
C ASP A 817 29.11 8.80 -6.81
N PRO A 818 29.89 8.66 -7.89
CA PRO A 818 29.40 8.98 -9.22
C PRO A 818 28.34 8.00 -9.73
N TYR A 819 27.52 8.49 -10.67
CA TYR A 819 26.45 7.74 -11.34
C TYR A 819 26.89 7.16 -12.67
N THR A 820 26.35 6.00 -13.00
CA THR A 820 26.34 5.43 -14.33
C THR A 820 24.92 5.56 -14.87
N LEU A 821 24.76 6.06 -16.09
CA LEU A 821 23.48 6.08 -16.77
C LEU A 821 23.46 4.97 -17.78
N VAL A 822 22.37 4.22 -17.77
CA VAL A 822 22.10 3.22 -18.78
C VAL A 822 21.00 3.73 -19.72
N VAL A 823 21.36 3.89 -20.98
CA VAL A 823 20.47 4.28 -22.04
C VAL A 823 20.08 3.05 -22.83
N VAL A 824 18.82 2.65 -22.72
CA VAL A 824 18.33 1.46 -23.41
C VAL A 824 17.53 1.85 -24.65
N LEU A 825 17.99 1.44 -25.83
CA LEU A 825 17.39 1.88 -27.09
C LEU A 825 16.69 0.73 -27.80
N GLY A 826 15.53 1.03 -28.36
CA GLY A 826 14.92 0.18 -29.37
C GLY A 826 15.12 0.76 -30.74
N ASN A 827 14.19 0.46 -31.63
CA ASN A 827 14.36 0.82 -33.04
C ASN A 827 14.26 2.33 -33.26
N ASP A 828 13.51 3.03 -32.43
CA ASP A 828 13.43 4.50 -32.53
C ASP A 828 14.71 5.23 -32.14
N ARG A 829 15.63 4.54 -31.48
CA ARG A 829 16.83 5.18 -30.96
C ARG A 829 16.51 6.45 -30.18
N LYS A 830 15.42 6.37 -29.42
CA LYS A 830 15.00 7.39 -28.50
C LYS A 830 14.77 6.76 -27.14
N ALA A 831 14.93 7.57 -26.09
CA ALA A 831 14.63 7.10 -24.76
C ALA A 831 14.43 8.29 -23.84
N GLU A 832 13.83 8.03 -22.69
CA GLU A 832 13.75 9.02 -21.62
C GLU A 832 13.80 8.29 -20.27
N GLY A 833 14.27 9.00 -19.26
CA GLY A 833 14.33 8.53 -17.89
C GLY A 833 14.64 9.70 -16.98
N ASP A 834 14.79 9.44 -15.67
CA ASP A 834 14.97 10.51 -14.70
C ASP A 834 15.69 10.06 -13.44
N LEU A 835 16.20 11.04 -12.68
CA LEU A 835 16.96 10.79 -11.49
C LEU A 835 16.67 11.87 -10.46
N TYR A 836 16.22 11.46 -9.28
CA TYR A 836 15.92 12.41 -8.20
C TYR A 836 16.83 12.13 -7.01
N VAL A 837 17.43 13.19 -6.48
CA VAL A 837 18.31 13.10 -5.32
C VAL A 837 18.13 14.30 -4.39
N ASP A 838 18.34 14.05 -3.10
CA ASP A 838 18.35 15.10 -2.09
C ASP A 838 19.04 14.53 -0.85
N ASP A 839 18.95 15.23 0.28
CA ASP A 839 19.78 14.85 1.45
C ASP A 839 19.27 13.58 2.13
N GLY A 840 18.10 13.08 1.72
CA GLY A 840 17.61 11.80 2.23
C GLY A 840 16.99 11.83 3.61
N ASP A 841 16.86 13.03 4.21
CA ASP A 841 16.59 13.18 5.67
C ASP A 841 15.69 14.37 6.07
N SER A 842 15.94 15.55 5.50
CA SER A 842 15.24 16.79 5.91
C SER A 842 13.95 17.02 5.12
N PHE A 843 13.24 18.09 5.46
CA PHE A 843 12.13 18.60 4.63
C PHE A 843 12.57 19.73 3.69
N ASP A 844 13.88 19.88 3.52
CA ASP A 844 14.39 20.87 2.57
C ASP A 844 13.92 20.63 1.12
N TYR A 845 13.50 19.39 0.78
CA TYR A 845 12.93 19.13 -0.54
C TYR A 845 11.72 20.01 -0.78
N GLU A 846 11.04 20.42 0.29
CA GLU A 846 9.86 21.29 0.17
C GLU A 846 10.19 22.71 -0.35
N LYS A 847 11.42 23.15 -0.16
CA LYS A 847 11.88 24.44 -0.72
C LYS A 847 12.84 24.23 -1.90
N GLY A 848 12.65 23.17 -2.68
CA GLY A 848 13.47 22.97 -3.86
C GLY A 848 14.92 22.58 -3.63
N GLN A 849 15.32 22.17 -2.43
CA GLN A 849 16.67 21.62 -2.25
C GLN A 849 16.74 20.17 -2.72
N TYR A 850 16.70 20.01 -4.03
CA TYR A 850 16.88 18.73 -4.63
C TYR A 850 17.34 18.83 -6.08
N ILE A 851 17.90 17.74 -6.57
CA ILE A 851 18.22 17.58 -7.97
C ILE A 851 17.24 16.57 -8.54
N HIS A 852 16.57 17.00 -9.60
CA HIS A 852 15.75 16.12 -10.36
C HIS A 852 16.05 16.30 -11.84
N ARG A 853 16.65 15.27 -12.44
CA ARG A 853 17.08 15.31 -13.84
C ARG A 853 16.12 14.52 -14.69
N ARG A 854 15.77 15.07 -15.84
CA ARG A 854 15.20 14.34 -16.95
C ARG A 854 16.23 14.10 -18.02
N PHE A 855 16.45 12.82 -18.35
CA PHE A 855 17.38 12.45 -19.40
C PHE A 855 16.66 12.05 -20.66
N ILE A 856 17.05 12.62 -21.79
CA ILE A 856 16.42 12.32 -23.04
C ILE A 856 17.44 11.90 -24.09
N PHE A 857 17.15 10.79 -24.75
CA PHE A 857 17.96 10.36 -25.85
C PHE A 857 17.17 10.50 -27.14
N ASP A 858 17.75 11.26 -28.07
CA ASP A 858 17.10 11.60 -29.33
C ASP A 858 18.15 12.04 -30.35
N ALA A 859 18.05 11.54 -31.58
CA ALA A 859 18.91 12.07 -32.68
C ALA A 859 20.36 12.12 -32.21
N ASN A 860 20.81 10.96 -31.71
CA ASN A 860 22.20 10.73 -31.34
C ASN A 860 22.67 11.58 -30.18
N THR A 861 21.72 12.11 -29.43
CA THR A 861 22.02 13.10 -28.41
C THR A 861 21.35 12.70 -27.09
N LEU A 862 22.14 12.58 -26.04
CA LEU A 862 21.65 12.50 -24.66
C LEU A 862 21.75 13.87 -23.96
N THR A 863 20.62 14.34 -23.44
CA THR A 863 20.60 15.58 -22.69
C THR A 863 20.06 15.35 -21.27
N SER A 864 20.53 16.17 -20.35
CA SER A 864 20.03 16.24 -19.00
C SER A 864 19.51 17.66 -18.78
N ALA A 865 18.30 17.75 -18.26
CA ALA A 865 17.63 19.01 -17.96
C ALA A 865 16.93 18.85 -16.62
N ASP A 866 16.60 19.96 -15.98
CA ASP A 866 15.81 19.92 -14.77
C ASP A 866 14.43 19.32 -15.06
N TYR A 867 14.02 18.33 -14.29
CA TYR A 867 12.74 17.64 -14.54
C TYR A 867 11.53 18.61 -14.62
N GLU A 868 11.56 19.65 -13.79
CA GLU A 868 10.47 20.64 -13.68
C GLU A 868 10.72 21.89 -14.50
N GLY A 869 11.86 21.95 -15.19
CA GLY A 869 12.25 23.15 -15.94
C GLY A 869 12.48 24.38 -15.09
N ARG A 870 13.08 24.21 -13.91
CA ARG A 870 13.52 25.34 -13.08
C ARG A 870 14.78 26.03 -13.63
N ASP A 871 14.77 27.36 -13.55
CA ASP A 871 15.96 28.19 -13.66
C ASP A 871 16.88 28.07 -12.41
N ASP A 872 18.14 28.47 -12.53
CA ASP A 872 19.06 28.60 -11.37
C ASP A 872 19.23 30.07 -10.91
N LYS A 876 18.39 28.60 -5.26
CA LYS A 876 19.30 29.16 -4.25
C LYS A 876 19.99 28.13 -3.29
N GLU A 877 21.30 27.90 -3.47
CA GLU A 877 21.94 26.63 -3.11
C GLU A 877 22.23 26.44 -1.62
N GLY A 878 21.58 25.46 -1.01
CA GLY A 878 21.90 25.04 0.34
C GLY A 878 23.13 24.16 0.42
N GLU A 879 23.34 23.60 1.58
CA GLU A 879 24.60 22.97 1.91
C GLU A 879 24.78 21.61 1.22
N TRP A 880 23.69 20.82 1.21
CA TRP A 880 23.66 19.55 0.49
C TRP A 880 23.89 19.80 -1.02
N LEU A 881 23.17 20.74 -1.62
CA LEU A 881 23.33 21.06 -3.05
C LEU A 881 24.73 21.51 -3.42
N LYS A 882 25.33 22.37 -2.59
CA LYS A 882 26.72 22.79 -2.77
C LYS A 882 27.66 21.59 -2.86
N LYS A 883 27.50 20.64 -1.96
CA LYS A 883 28.40 19.50 -1.94
C LYS A 883 28.17 18.56 -3.12
N MET A 884 26.96 18.57 -3.66
CA MET A 884 26.67 17.74 -4.84
C MET A 884 27.47 18.17 -6.07
N ARG A 885 27.98 19.40 -6.08
CA ARG A 885 28.85 19.88 -7.17
C ARG A 885 30.06 18.99 -7.48
N THR A 886 30.54 18.23 -6.48
CA THR A 886 31.60 17.25 -6.72
C THR A 886 31.11 15.91 -7.27
N VAL A 887 29.80 15.79 -7.52
CA VAL A 887 29.24 14.50 -7.89
C VAL A 887 28.80 14.43 -9.37
N ASN A 888 29.33 13.44 -10.08
CA ASN A 888 29.28 13.41 -11.53
C ASN A 888 28.52 12.22 -12.02
N VAL A 889 27.92 12.34 -13.18
CA VAL A 889 27.86 11.23 -14.11
C VAL A 889 29.24 10.99 -14.70
N GLU A 890 29.79 9.80 -14.48
CA GLU A 890 31.05 9.41 -15.04
C GLU A 890 30.93 8.37 -16.16
N LYS A 891 29.80 7.69 -16.26
CA LYS A 891 29.72 6.58 -17.19
C LYS A 891 28.36 6.50 -17.86
N ILE A 892 28.40 6.28 -19.17
CA ILE A 892 27.19 6.03 -19.92
C ILE A 892 27.34 4.76 -20.71
N ILE A 893 26.36 3.87 -20.56
CA ILE A 893 26.24 2.66 -21.36
C ILE A 893 25.04 2.81 -22.27
N VAL A 894 25.25 2.63 -23.56
CA VAL A 894 24.15 2.60 -24.50
C VAL A 894 23.98 1.18 -24.99
N VAL A 895 22.82 0.62 -24.70
CA VAL A 895 22.45 -0.69 -25.18
C VAL A 895 21.50 -0.58 -26.39
N GLY A 896 21.80 -1.39 -27.41
CA GLY A 896 21.21 -1.28 -28.74
C GLY A 896 21.75 -0.11 -29.53
N ALA A 897 23.04 0.11 -29.39
CA ALA A 897 23.74 1.18 -30.08
C ALA A 897 23.66 1.01 -31.61
N PRO A 898 23.41 2.11 -32.33
CA PRO A 898 23.28 2.02 -33.79
C PRO A 898 24.61 1.80 -34.50
N ALA A 899 24.54 1.08 -35.60
CA ALA A 899 25.72 0.67 -36.34
C ALA A 899 26.60 1.82 -36.83
N ALA A 900 26.00 2.93 -37.23
CA ALA A 900 26.73 4.15 -37.66
C ALA A 900 27.70 4.72 -36.63
N TRP A 901 27.62 4.25 -35.39
CA TRP A 901 28.65 4.56 -34.41
C TRP A 901 29.90 3.67 -34.51
N LYS A 902 29.86 2.61 -35.31
CA LYS A 902 31.02 1.71 -35.49
C LYS A 902 32.25 2.53 -35.89
N GLY A 903 33.36 2.33 -35.17
CA GLY A 903 34.63 3.00 -35.48
C GLY A 903 34.71 4.50 -35.19
N LYS A 904 33.75 5.03 -34.43
CA LYS A 904 33.90 6.35 -33.84
C LYS A 904 34.40 6.20 -32.43
N LYS A 905 35.31 7.08 -32.03
CA LYS A 905 36.21 6.82 -30.92
C LYS A 905 35.94 7.78 -29.76
N THR A 906 35.22 8.86 -30.07
CA THR A 906 34.86 9.88 -29.10
C THR A 906 33.37 10.24 -29.22
N VAL A 907 32.82 10.71 -28.11
CA VAL A 907 31.66 11.59 -28.12
C VAL A 907 32.06 13.02 -27.78
N THR A 908 31.19 13.95 -28.15
CA THR A 908 31.31 15.36 -27.76
C THR A 908 30.41 15.68 -26.56
N VAL A 909 31.01 16.17 -25.49
CA VAL A 909 30.32 16.47 -24.23
C VAL A 909 30.29 17.98 -24.02
N GLU A 910 29.10 18.52 -23.79
CA GLU A 910 28.94 19.93 -23.41
C GLU A 910 28.21 20.06 -22.07
N SER A 911 28.74 20.91 -21.19
CA SER A 911 28.10 21.21 -19.91
C SER A 911 28.63 22.50 -19.33
N GLU A 912 27.72 23.42 -18.99
CA GLU A 912 28.06 24.63 -18.24
C GLU A 912 29.05 25.52 -19.01
N GLY A 913 28.80 25.68 -20.31
CA GLY A 913 29.69 26.45 -21.20
C GLY A 913 30.90 25.70 -21.77
N LYS A 914 31.20 24.52 -21.25
CA LYS A 914 32.45 23.84 -21.58
C LYS A 914 32.21 22.66 -22.51
N THR A 915 33.01 22.53 -23.55
CA THR A 915 32.87 21.40 -24.50
C THR A 915 34.14 20.58 -24.50
N TRP A 916 34.00 19.26 -24.59
CA TRP A 916 35.12 18.36 -24.72
C TRP A 916 34.76 17.02 -25.35
N ALA A 917 35.78 16.25 -25.65
CA ALA A 917 35.62 14.91 -26.20
C ALA A 917 35.81 13.87 -25.10
N ALA A 918 35.07 12.78 -25.15
CA ALA A 918 35.35 11.66 -24.25
C ALA A 918 35.38 10.35 -25.04
N ALA A 919 36.18 9.41 -24.54
CA ALA A 919 36.36 8.13 -25.24
C ALA A 919 35.09 7.29 -25.14
N ILE A 920 34.74 6.68 -26.26
CA ILE A 920 33.67 5.72 -26.32
C ILE A 920 34.21 4.46 -26.98
N GLU A 921 33.87 3.27 -26.47
CA GLU A 921 34.02 2.01 -27.23
C GLU A 921 32.69 1.42 -27.72
N TYR A 922 32.56 1.29 -29.04
CA TYR A 922 31.43 0.62 -29.68
C TYR A 922 31.70 -0.87 -29.77
N ASN A 923 30.73 -1.68 -29.35
CA ASN A 923 30.84 -3.15 -29.41
C ASN A 923 29.75 -3.68 -30.31
N PRO A 924 30.13 -4.30 -31.43
CA PRO A 924 29.10 -4.76 -32.35
C PRO A 924 28.29 -5.91 -31.76
N ALA A 925 27.06 -6.07 -32.23
CA ALA A 925 26.26 -7.25 -31.94
C ALA A 925 27.06 -8.53 -32.15
N GLU A 926 26.62 -9.60 -31.51
CA GLU A 926 27.40 -10.82 -31.42
C GLU A 926 26.52 -11.95 -30.93
N LYS A 927 26.17 -12.88 -31.81
CA LYS A 927 25.09 -13.86 -31.60
C LYS A 927 23.78 -13.15 -31.26
N SER A 928 23.11 -13.52 -30.19
CA SER A 928 21.88 -12.80 -29.83
C SER A 928 22.15 -11.56 -28.94
N ARG A 929 23.42 -11.28 -28.70
CA ARG A 929 23.82 -10.19 -27.85
C ARG A 929 23.84 -8.88 -28.61
N ALA A 930 23.35 -7.82 -27.99
CA ALA A 930 23.16 -6.56 -28.70
C ALA A 930 24.46 -5.80 -28.89
N ALA A 931 24.47 -4.96 -29.91
CA ALA A 931 25.42 -3.86 -29.99
C ALA A 931 25.23 -2.92 -28.83
N PHE A 932 26.32 -2.57 -28.17
CA PHE A 932 26.31 -1.57 -27.13
C PHE A 932 27.56 -0.73 -27.15
N ALA A 933 27.50 0.43 -26.50
CA ALA A 933 28.61 1.33 -26.43
C ALA A 933 28.79 1.89 -25.05
N VAL A 934 30.05 2.12 -24.66
CA VAL A 934 30.41 2.55 -23.30
C VAL A 934 31.26 3.82 -23.34
N VAL A 935 30.79 4.86 -22.69
CA VAL A 935 31.57 6.05 -22.47
C VAL A 935 32.04 6.06 -21.05
N LYS A 936 33.37 6.08 -20.85
CA LYS A 936 33.95 6.21 -19.51
C LYS A 936 34.36 7.66 -19.25
N LYS A 937 34.54 8.00 -17.97
CA LYS A 937 35.13 9.28 -17.61
C LYS A 937 34.40 10.44 -18.28
N VAL A 938 33.10 10.51 -18.07
CA VAL A 938 32.27 11.51 -18.69
C VAL A 938 32.55 12.85 -18.02
N GLY A 939 32.57 12.84 -16.70
CA GLY A 939 33.13 13.95 -15.94
C GLY A 939 32.22 15.17 -15.95
N VAL A 940 30.91 14.97 -15.88
CA VAL A 940 29.94 16.06 -15.76
C VAL A 940 29.11 15.99 -14.47
N ARG A 941 28.91 17.14 -13.87
CA ARG A 941 28.32 17.17 -12.57
C ARG A 941 26.81 16.89 -12.70
N VAL A 942 26.30 16.08 -11.79
CA VAL A 942 24.94 15.55 -11.91
C VAL A 942 23.88 16.65 -11.81
N GLY A 943 24.17 17.73 -11.08
CA GLY A 943 23.24 18.87 -10.94
C GLY A 943 23.13 19.88 -12.10
N ALA A 944 23.88 19.70 -13.19
CA ALA A 944 23.92 20.72 -14.27
C ALA A 944 23.39 20.15 -15.55
N ASP A 945 22.87 21.03 -16.40
CA ASP A 945 22.47 20.64 -17.73
C ASP A 945 23.66 20.02 -18.44
N PHE A 946 23.38 19.09 -19.34
CA PHE A 946 24.38 18.62 -20.27
C PHE A 946 23.83 18.05 -21.57
N LYS A 947 24.74 17.89 -22.53
CA LYS A 947 24.43 17.46 -23.89
C LYS A 947 25.59 16.58 -24.38
N ILE A 948 25.28 15.36 -24.77
CA ILE A 948 26.32 14.47 -25.28
C ILE A 948 25.95 13.98 -26.66
N VAL A 949 26.77 14.35 -27.64
CA VAL A 949 26.54 13.96 -29.04
C VAL A 949 27.34 12.73 -29.43
N PHE A 950 26.63 11.67 -29.82
CA PHE A 950 27.24 10.43 -30.25
C PHE A 950 27.27 10.41 -31.76
N GLY A 951 28.16 9.60 -32.31
CA GLY A 951 28.17 9.36 -33.74
C GLY A 951 29.09 10.30 -34.51
C1 GLC B . 3.65 -15.23 17.00
C2 GLC B . 4.23 -14.06 16.19
C3 GLC B . 3.66 -12.65 16.45
C4 GLC B . 2.15 -12.73 16.70
C5 GLC B . 1.76 -13.84 17.71
C6 GLC B . 0.25 -13.99 17.91
O1 GLC B . 4.42 -15.41 18.18
O2 GLC B . 5.62 -13.99 16.43
O3 GLC B . 4.42 -11.78 15.74
O4 GLC B . 1.68 -11.44 17.08
O5 GLC B . 2.26 -15.11 17.32
O6 GLC B . -0.39 -14.13 16.65
C1 GLC B . 4.73 -10.43 16.02
C2 GLC B . 5.32 -9.71 14.80
C3 GLC B . 6.72 -10.22 14.48
C4 GLC B . 7.62 -10.04 15.71
C5 GLC B . 6.97 -10.67 16.96
C6 GLC B . 7.73 -10.32 18.23
O2 GLC B . 4.47 -9.86 13.70
O3 GLC B . 7.26 -9.55 13.35
O4 GLC B . 8.86 -10.67 15.47
O5 GLC B . 5.61 -10.33 17.15
O6 GLC B . 7.52 -8.98 18.56
#